data_7RX4
# 
_entry.id   7RX4 
# 
_audit_conform.dict_name       mmcif_pdbx.dic 
_audit_conform.dict_version    5.393 
_audit_conform.dict_location   http://mmcif.pdb.org/dictionaries/ascii/mmcif_pdbx.dic 
# 
loop_
_database_2.database_id 
_database_2.database_code 
_database_2.pdbx_database_accession 
_database_2.pdbx_DOI 
PDB   7RX4         pdb_00007rx4 10.2210/pdb7rx4/pdb 
WWPDB D_1000259173 ?            ?                   
EMDB  EMD-24724    ?            ?                   
# 
loop_
_pdbx_audit_revision_history.ordinal 
_pdbx_audit_revision_history.data_content_type 
_pdbx_audit_revision_history.major_revision 
_pdbx_audit_revision_history.minor_revision 
_pdbx_audit_revision_history.revision_date 
1 'Structure model' 1 0 2021-09-08 
2 'Structure model' 1 1 2022-02-23 
3 'Structure model' 1 2 2022-03-02 
4 'Structure model' 1 3 2022-09-28 
5 'Structure model' 1 4 2024-06-05 
# 
_pdbx_audit_revision_details.ordinal             1 
_pdbx_audit_revision_details.revision_ordinal    1 
_pdbx_audit_revision_details.data_content_type   'Structure model' 
_pdbx_audit_revision_details.provider            repository 
_pdbx_audit_revision_details.type                'Initial release' 
_pdbx_audit_revision_details.description         ? 
_pdbx_audit_revision_details.details             ? 
# 
loop_
_pdbx_audit_revision_group.ordinal 
_pdbx_audit_revision_group.revision_ordinal 
_pdbx_audit_revision_group.data_content_type 
_pdbx_audit_revision_group.group 
1 2 'Structure model' 'Database references'  
2 2 'Structure model' 'Derived calculations' 
3 3 'Structure model' 'Database references'  
4 4 'Structure model' 'Database references'  
5 5 'Structure model' 'Data collection'      
# 
loop_
_pdbx_audit_revision_category.ordinal 
_pdbx_audit_revision_category.revision_ordinal 
_pdbx_audit_revision_category.data_content_type 
_pdbx_audit_revision_category.category 
1 2 'Structure model' citation              
2 2 'Structure model' citation_author       
3 2 'Structure model' pdbx_struct_oper_list 
4 3 'Structure model' citation              
5 4 'Structure model' citation              
6 5 'Structure model' chem_comp_atom        
7 5 'Structure model' chem_comp_bond        
# 
loop_
_pdbx_audit_revision_item.ordinal 
_pdbx_audit_revision_item.revision_ordinal 
_pdbx_audit_revision_item.data_content_type 
_pdbx_audit_revision_item.item 
1  2 'Structure model' '_citation.country'                         
2  2 'Structure model' '_citation.journal_abbrev'                  
3  2 'Structure model' '_citation.journal_id_CSD'                  
4  2 'Structure model' '_citation.journal_id_ISSN'                 
5  2 'Structure model' '_citation.pdbx_database_id_DOI'            
6  2 'Structure model' '_citation.title'                           
7  2 'Structure model' '_citation.year'                            
8  2 'Structure model' '_pdbx_struct_oper_list.name'               
9  2 'Structure model' '_pdbx_struct_oper_list.symmetry_operation' 
10 2 'Structure model' '_pdbx_struct_oper_list.type'               
11 3 'Structure model' '_citation.pdbx_database_id_PubMed'         
12 3 'Structure model' '_citation.title'                           
13 4 'Structure model' '_citation.journal_volume'                  
14 4 'Structure model' '_citation.page_first'                      
15 4 'Structure model' '_citation.page_last'                       
# 
_pdbx_database_status.status_code                     REL 
_pdbx_database_status.status_code_sf                  ? 
_pdbx_database_status.status_code_mr                  ? 
_pdbx_database_status.entry_id                        7RX4 
_pdbx_database_status.recvd_initial_deposition_date   2021-08-21 
_pdbx_database_status.SG_entry                        N 
_pdbx_database_status.deposit_site                    RCSB 
_pdbx_database_status.process_site                    RCSB 
_pdbx_database_status.status_code_cs                  ? 
_pdbx_database_status.status_code_nmr_data            ? 
_pdbx_database_status.methods_development_category    ? 
_pdbx_database_status.pdb_format_compatible           Y 
# 
_pdbx_database_related.db_name        EMDB 
_pdbx_database_related.details        'Cryo-EM reconstruction of AS2 nanotube (Form II like)' 
_pdbx_database_related.db_id          EMD-24724 
_pdbx_database_related.content_type   'associated EM volume' 
# 
loop_
_audit_author.name 
_audit_author.pdbx_ordinal 
_audit_author.identifier_ORCID 
'Wang, F.'         1 0000-0003-1008-663X 
'Gnewou, O.M.'     2 ?                   
'Solemanifar, A.'  3 ?                   
'Xu, C.'           4 ?                   
'Egelman, E.H.'    5 ?                   
'Conticello, V.P.' 6 ?                   
# 
_citation.abstract                  ? 
_citation.abstract_id_CAS           ? 
_citation.book_id_ISBN              ? 
_citation.book_publisher            ? 
_citation.book_publisher_city       ? 
_citation.book_title                ? 
_citation.coordinate_linkage        ? 
_citation.country                   US 
_citation.database_id_Medline       ? 
_citation.details                   ? 
_citation.id                        primary 
_citation.journal_abbrev            Chem.Rev. 
_citation.journal_id_ASTM           ? 
_citation.journal_id_CSD            ? 
_citation.journal_id_ISSN           1520-6890 
_citation.journal_full              ? 
_citation.journal_issue             ? 
_citation.journal_volume            122 
_citation.language                  ? 
_citation.page_first                14055 
_citation.page_last                 14065 
_citation.title                     'Cryo-EM of Helical Polymers.' 
_citation.year                      2022 
_citation.database_id_CSD           ? 
_citation.pdbx_database_id_DOI      10.1021/acs.chemrev.1c00753 
_citation.pdbx_database_id_PubMed   35133794 
_citation.pdbx_database_id_patent   ? 
_citation.unpublished_flag          ? 
# 
loop_
_citation_author.citation_id 
_citation_author.name 
_citation_author.ordinal 
_citation_author.identifier_ORCID 
primary 'Wang, F.'         1 ? 
primary 'Gnewou, O.'       2 ? 
primary 'Solemanifar, A.'  3 ? 
primary 'Conticello, V.P.' 4 ? 
primary 'Egelman, E.H.'    5 ? 
# 
_entity.id                         1 
_entity.type                       polymer 
_entity.src_method                 syn 
_entity.pdbx_description           'AS2 peptide' 
_entity.formula_weight             3224.670 
_entity.pdbx_number_of_molecules   2 
_entity.pdbx_ec                    ? 
_entity.pdbx_mutation              ? 
_entity.pdbx_fragment              ? 
_entity.details                    ? 
# 
_entity_poly.entity_id                      1 
_entity_poly.type                           'polypeptide(L)' 
_entity_poly.nstd_linkage                   no 
_entity_poly.nstd_monomer                   no 
_entity_poly.pdbx_seq_one_letter_code       QARILEADARILQAYANILSAHAEILRAE 
_entity_poly.pdbx_seq_one_letter_code_can   QARILEADARILQAYANILSAHAEILRAE 
_entity_poly.pdbx_strand_id                 A,a 
_entity_poly.pdbx_target_identifier         ? 
# 
loop_
_entity_poly_seq.entity_id 
_entity_poly_seq.num 
_entity_poly_seq.mon_id 
_entity_poly_seq.hetero 
1 1  GLN n 
1 2  ALA n 
1 3  ARG n 
1 4  ILE n 
1 5  LEU n 
1 6  GLU n 
1 7  ALA n 
1 8  ASP n 
1 9  ALA n 
1 10 ARG n 
1 11 ILE n 
1 12 LEU n 
1 13 GLN n 
1 14 ALA n 
1 15 TYR n 
1 16 ALA n 
1 17 ASN n 
1 18 ILE n 
1 19 LEU n 
1 20 SER n 
1 21 ALA n 
1 22 HIS n 
1 23 ALA n 
1 24 GLU n 
1 25 ILE n 
1 26 LEU n 
1 27 ARG n 
1 28 ALA n 
1 29 GLU n 
# 
_pdbx_entity_src_syn.entity_id              1 
_pdbx_entity_src_syn.pdbx_src_id            1 
_pdbx_entity_src_syn.pdbx_alt_source_flag   sample 
_pdbx_entity_src_syn.pdbx_beg_seq_num       1 
_pdbx_entity_src_syn.pdbx_end_seq_num       29 
_pdbx_entity_src_syn.organism_scientific    'Synthetic construct' 
_pdbx_entity_src_syn.organism_common_name   ? 
_pdbx_entity_src_syn.ncbi_taxonomy_id       32630 
_pdbx_entity_src_syn.details                ? 
# 
loop_
_chem_comp.id 
_chem_comp.type 
_chem_comp.mon_nstd_flag 
_chem_comp.name 
_chem_comp.pdbx_synonyms 
_chem_comp.formula 
_chem_comp.formula_weight 
ALA 'L-peptide linking' y ALANINE         ? 'C3 H7 N O2'     89.093  
ARG 'L-peptide linking' y ARGININE        ? 'C6 H15 N4 O2 1' 175.209 
ASN 'L-peptide linking' y ASPARAGINE      ? 'C4 H8 N2 O3'    132.118 
ASP 'L-peptide linking' y 'ASPARTIC ACID' ? 'C4 H7 N O4'     133.103 
GLN 'L-peptide linking' y GLUTAMINE       ? 'C5 H10 N2 O3'   146.144 
GLU 'L-peptide linking' y 'GLUTAMIC ACID' ? 'C5 H9 N O4'     147.129 
HIS 'L-peptide linking' y HISTIDINE       ? 'C6 H10 N3 O2 1' 156.162 
ILE 'L-peptide linking' y ISOLEUCINE      ? 'C6 H13 N O2'    131.173 
LEU 'L-peptide linking' y LEUCINE         ? 'C6 H13 N O2'    131.173 
SER 'L-peptide linking' y SERINE          ? 'C3 H7 N O3'     105.093 
TYR 'L-peptide linking' y TYROSINE        ? 'C9 H11 N O3'    181.189 
# 
loop_
_pdbx_poly_seq_scheme.asym_id 
_pdbx_poly_seq_scheme.entity_id 
_pdbx_poly_seq_scheme.seq_id 
_pdbx_poly_seq_scheme.mon_id 
_pdbx_poly_seq_scheme.ndb_seq_num 
_pdbx_poly_seq_scheme.pdb_seq_num 
_pdbx_poly_seq_scheme.auth_seq_num 
_pdbx_poly_seq_scheme.pdb_mon_id 
_pdbx_poly_seq_scheme.auth_mon_id 
_pdbx_poly_seq_scheme.pdb_strand_id 
_pdbx_poly_seq_scheme.pdb_ins_code 
_pdbx_poly_seq_scheme.hetero 
A 1 1  GLN 1  1  1  GLN GLN A . n 
A 1 2  ALA 2  2  2  ALA ALA A . n 
A 1 3  ARG 3  3  3  ARG ARG A . n 
A 1 4  ILE 4  4  4  ILE ILE A . n 
A 1 5  LEU 5  5  5  LEU LEU A . n 
A 1 6  GLU 6  6  6  GLU GLU A . n 
A 1 7  ALA 7  7  7  ALA ALA A . n 
A 1 8  ASP 8  8  8  ASP ASP A . n 
A 1 9  ALA 9  9  9  ALA ALA A . n 
A 1 10 ARG 10 10 10 ARG ARG A . n 
A 1 11 ILE 11 11 11 ILE ILE A . n 
A 1 12 LEU 12 12 12 LEU LEU A . n 
A 1 13 GLN 13 13 13 GLN GLN A . n 
A 1 14 ALA 14 14 14 ALA ALA A . n 
A 1 15 TYR 15 15 15 TYR TYR A . n 
A 1 16 ALA 16 16 16 ALA ALA A . n 
A 1 17 ASN 17 17 17 ASN ASN A . n 
A 1 18 ILE 18 18 18 ILE ILE A . n 
A 1 19 LEU 19 19 19 LEU LEU A . n 
A 1 20 SER 20 20 20 SER SER A . n 
A 1 21 ALA 21 21 21 ALA ALA A . n 
A 1 22 HIS 22 22 22 HIS HIS A . n 
A 1 23 ALA 23 23 23 ALA ALA A . n 
A 1 24 GLU 24 24 24 GLU GLU A . n 
A 1 25 ILE 25 25 25 ILE ILE A . n 
A 1 26 LEU 26 26 26 LEU LEU A . n 
A 1 27 ARG 27 27 27 ARG ARG A . n 
A 1 28 ALA 28 28 28 ALA ALA A . n 
A 1 29 GLU 29 29 29 GLU GLU A . n 
B 1 1  GLN 1  1  1  GLN GLN a . n 
B 1 2  ALA 2  2  2  ALA ALA a . n 
B 1 3  ARG 3  3  3  ARG ARG a . n 
B 1 4  ILE 4  4  4  ILE ILE a . n 
B 1 5  LEU 5  5  5  LEU LEU a . n 
B 1 6  GLU 6  6  6  GLU GLU a . n 
B 1 7  ALA 7  7  7  ALA ALA a . n 
B 1 8  ASP 8  8  8  ASP ASP a . n 
B 1 9  ALA 9  9  9  ALA ALA a . n 
B 1 10 ARG 10 10 10 ARG ARG a . n 
B 1 11 ILE 11 11 11 ILE ILE a . n 
B 1 12 LEU 12 12 12 LEU LEU a . n 
B 1 13 GLN 13 13 13 GLN GLN a . n 
B 1 14 ALA 14 14 14 ALA ALA a . n 
B 1 15 TYR 15 15 15 TYR TYR a . n 
B 1 16 ALA 16 16 16 ALA ALA a . n 
B 1 17 ASN 17 17 17 ASN ASN a . n 
B 1 18 ILE 18 18 18 ILE ILE a . n 
B 1 19 LEU 19 19 19 LEU LEU a . n 
B 1 20 SER 20 20 20 SER SER a . n 
B 1 21 ALA 21 21 21 ALA ALA a . n 
B 1 22 HIS 22 22 22 HIS HIS a . n 
B 1 23 ALA 23 23 23 ALA ALA a . n 
B 1 24 GLU 24 24 24 GLU GLU a . n 
B 1 25 ILE 25 25 25 ILE ILE a . n 
B 1 26 LEU 26 26 26 LEU LEU a . n 
B 1 27 ARG 27 27 27 ARG ARG a . n 
B 1 28 ALA 28 28 28 ALA ALA a . n 
B 1 29 GLU 29 29 29 GLU GLU a . n 
# 
_exptl.absorpt_coefficient_mu     ? 
_exptl.absorpt_correction_T_max   ? 
_exptl.absorpt_correction_T_min   ? 
_exptl.absorpt_correction_type    ? 
_exptl.absorpt_process_details    ? 
_exptl.entry_id                   7RX4 
_exptl.crystals_number            ? 
_exptl.details                    ? 
_exptl.method                     'ELECTRON MICROSCOPY' 
_exptl.method_details             ? 
# 
_struct.entry_id                     7RX4 
_struct.title                        'Cryo-EM reconstruction of AS2 nanotube (Form II like)' 
_struct.pdbx_model_details           ? 
_struct.pdbx_formula_weight          ? 
_struct.pdbx_formula_weight_method   ? 
_struct.pdbx_model_type_details      ? 
_struct.pdbx_CASP_flag               N 
# 
_struct_keywords.entry_id        7RX4 
_struct_keywords.text            'helical symmetry, peptide nanotube, self-assembly, STRUCTURAL PROTEIN' 
_struct_keywords.pdbx_keywords   'STRUCTURAL PROTEIN' 
# 
loop_
_struct_asym.id 
_struct_asym.pdbx_blank_PDB_chainid_flag 
_struct_asym.pdbx_modified 
_struct_asym.entity_id 
_struct_asym.details 
A N N 1 ? 
B N N 1 ? 
# 
_struct_ref.id                         1 
_struct_ref.db_name                    PDB 
_struct_ref.db_code                    7RX4 
_struct_ref.pdbx_db_accession          7RX4 
_struct_ref.pdbx_db_isoform            ? 
_struct_ref.entity_id                  1 
_struct_ref.pdbx_seq_one_letter_code   ? 
_struct_ref.pdbx_align_begin           1 
# 
loop_
_struct_ref_seq.align_id 
_struct_ref_seq.ref_id 
_struct_ref_seq.pdbx_PDB_id_code 
_struct_ref_seq.pdbx_strand_id 
_struct_ref_seq.seq_align_beg 
_struct_ref_seq.pdbx_seq_align_beg_ins_code 
_struct_ref_seq.seq_align_end 
_struct_ref_seq.pdbx_seq_align_end_ins_code 
_struct_ref_seq.pdbx_db_accession 
_struct_ref_seq.db_align_beg 
_struct_ref_seq.pdbx_db_align_beg_ins_code 
_struct_ref_seq.db_align_end 
_struct_ref_seq.pdbx_db_align_end_ins_code 
_struct_ref_seq.pdbx_auth_seq_align_beg 
_struct_ref_seq.pdbx_auth_seq_align_end 
1 1 7RX4 A 1 ? 29 ? 7RX4 1 ? 29 ? 1 29 
2 1 7RX4 a 1 ? 29 ? 7RX4 1 ? 29 ? 1 29 
# 
loop_
_pdbx_struct_assembly.id 
_pdbx_struct_assembly.details 
_pdbx_struct_assembly.method_details 
_pdbx_struct_assembly.oligomeric_details 
_pdbx_struct_assembly.oligomeric_count 
1 'representative helical assembly'            ? 60-meric 60 
2 'helical asymmetric unit'                    ? dimeric  2  
3 'helical asymmetric unit, std helical frame' ? dimeric  2  
# 
loop_
_pdbx_struct_assembly_gen.assembly_id 
_pdbx_struct_assembly_gen.oper_expression 
_pdbx_struct_assembly_gen.asym_id_list 
1 '(1-30)' A,B 
2 16       A,B 
3 H        A,B 
# 
_pdbx_struct_assembly_auth_evidence.id                     1 
_pdbx_struct_assembly_auth_evidence.assembly_id            1 
_pdbx_struct_assembly_auth_evidence.experimental_support   microscopy 
_pdbx_struct_assembly_auth_evidence.details                ? 
# 
loop_
_pdbx_struct_oper_list.id 
_pdbx_struct_oper_list.type 
_pdbx_struct_oper_list.name 
_pdbx_struct_oper_list.symmetry_operation 
_pdbx_struct_oper_list.matrix[1][1] 
_pdbx_struct_oper_list.matrix[1][2] 
_pdbx_struct_oper_list.matrix[1][3] 
_pdbx_struct_oper_list.vector[1] 
_pdbx_struct_oper_list.matrix[2][1] 
_pdbx_struct_oper_list.matrix[2][2] 
_pdbx_struct_oper_list.matrix[2][3] 
_pdbx_struct_oper_list.vector[2] 
_pdbx_struct_oper_list.matrix[3][1] 
_pdbx_struct_oper_list.matrix[3][2] 
_pdbx_struct_oper_list.matrix[3][3] 
_pdbx_struct_oper_list.vector[3] 
H  'identity operation'         1_555 x,y,z 1.00000000  0.00000000  0.00000000  0.00000   0.00000000  1.00000000 0.00000000  0.00000   0.00000000  0.00000000  1.00000000  0.00000  
1  'helical symmetry operation' ?     ?     0.43684274  0.35065504  0.82837760  -41.21788 -0.45730158 0.87958432 -0.13117424 24.41651  -0.77462486 -0.32151588 0.54459514  -5.75736 
2  'helical symmetry operation' ?     ?     0.50854543  -0.43336535 -0.74402689 18.65999  0.34029734  0.89491597 -0.28865747 38.87410  0.79093569  -0.10639493 0.60257850  13.08122 
3  'helical symmetry operation' ?     ?     -0.97523301 -0.15502672 0.15775708  -33.93359 -0.21902824 0.57765079 -0.78634992 48.57771  0.03077675  -0.80142765 -0.59729934 48.98428 
4  'helical symmetry operation' ?     ?     0.62535990  0.31529154  0.71380406  -33.90697 -0.38623810 0.91989353 -0.06794137 17.88821  -0.67804508 -0.23321052 0.69704213  -7.64988 
5  'helical symmetry operation' ?     ?     0.30518674  -0.49312028 -0.81467383 19.28540  0.36154170  0.85143331 -0.37993279 37.47783  0.88099299  -0.17858811 0.43812970  22.94576 
6  'helical symmetry operation' ?     ?     -0.93455434 -0.05231630 0.35195340  -40.06300 -0.31403523 0.58634880 -0.74671076 40.79337  -0.16730231 -0.80836754 -0.56440398 47.76609 
7  'helical symmetry operation' ?     ?     0.78287161  0.25928647  0.56558163  -25.73785 -0.30040463 0.95357307 -0.02134146 12.17153  -0.54485696 -0.15319572 0.82441614  -8.13431 
8  'helical symmetry operation' ?     ?     0.08698417  -0.53271006 -0.84181574 18.09414  0.35980990  0.80477670 -0.47209247 35.81886  0.92896210  -0.26182907 0.26167719  32.71706 
9  'helical symmetry operation' ?     ?     -0.84614038 0.04830852  0.53076619  -45.00317 -0.39791688 0.60525370 -0.68944189 32.49349  -0.35455411 -0.79456545 -0.49290682 45.24488 
10 'helical symmetry operation' ?     ?     0.90142704  0.18546684  0.39119221  -17.09242 -0.20413386 0.97892289 0.00627324  7.29859   -0.38178353 -0.08551044 0.92028762  -7.05695 
11 'helical symmetry operation' ?     ?     -0.13504793 -0.55013631 -0.82408257 15.17680  0.33518936  0.75730124 -0.56048454 33.72449  0.93242165  -0.35191599 0.08212787  42.03116 
12 'helical symmetry operation' ?     ?     -0.71445405 0.14176844  0.68516940  -48.47426 -0.46643902 0.63341119 -0.61743413 23.84059  -0.52152664 -0.76071806 -0.38641686 41.67717 
13 'helical symmetry operation' ?     ?     0.97504180  0.09755889  0.19943858  -8.37664  -0.10228529 0.99466338 0.01350880  3.25892   -0.19705635 -0.03357128 0.97981721  -4.34293 
14 'helical symmetry operation' ?     ?     -0.34970192 -0.54451940 -0.76236946 10.71110  0.28892287  0.71140339 -0.64064716 31.04399  0.89119703  -0.44430152 -0.09145503 50.54716 
15 'helical symmetry operation' ?     ?     -0.54614259 0.22334583  0.80736913  -50.27061 -0.51614284 0.66939997 -0.53432224 15.01500  -0.65979151 -0.70853393 -0.25030948 37.37232 
16 'identity operation'         1_555 x,y,z 1.00000000  0.00000000  0.00000000  0.00000   0.00000000  1.00000000 0.00000000  0.00000   0.00000000  0.00000000  1.00000000  0.00000  
17 'helical symmetry operation' ?     ?     -0.54614259 -0.51614284 -0.65979151 4.95290   0.22334583  0.66939997 -0.70853393 27.65625  0.80736913  -0.53432224 -0.25030948 57.96443 
18 'helical symmetry operation' ?     ?     -0.34970192 0.28892287  0.89119703  -50.27110 -0.54451940 0.71140339 -0.44430152 6.20578   -0.76236946 -0.64064716 -0.09145503 32.67686 
19 'helical symmetry operation' ?     ?     0.97504180  -0.10228529 -0.19705635 7.64511   0.09755889  0.99466338 -0.03357128 -2.57011  0.19943858  0.01350880  0.97981721  5.88188  
20 'helical symmetry operation' ?     ?     -0.71445405 -0.46643902 -0.52152664 -1.77669  0.14176844  0.63341119 -0.76071806 23.47580  0.68516940  -0.61743413 -0.38641686 64.03783 
21 'helical symmetry operation' ?     ?     -0.13504793 0.33518936  0.93242165  -48.44526 -0.55013631 0.75730124 -0.35191599 -2.39885  -0.82408257 -0.56048454 0.08212787  27.95706 
22 'helical symmetry operation' ?     ?     0.90142704  -0.20413386 -0.38178353 14.20323  0.18546684  0.97892289 -0.08551044 -4.57812  0.39119221  0.00627324  0.92028762  13.13506 
23 'helical symmetry operation' ?     ?     -0.84614038 -0.39791688 -0.35455411 -9.10753  0.04830852  0.60525370 -0.79456545 18.45725  0.53076619  -0.68944189 -0.49290682 68.59004 
24 'helical symmetry operation' ?     ?     0.08698417  0.35980990  0.92896210  -44.85479 -0.53271006 0.80477670 -0.26182907 -10.62097 -0.84181574 -0.47209247 0.26167719  23.58044 
25 'helical symmetry operation' ?     ?     0.78287161  -0.30040463 -0.54485696 19.37378  0.25928647  0.95357307 -0.15319572 -6.17910  0.56558163  -0.02134146 0.82441614  21.52267 
26 'helical symmetry operation' ?     ?     -0.93455434 -0.31403523 -0.16730231 -16.63912 -0.05231630 0.58634880 -0.80836754 12.59746  0.35195340  -0.74671076 -0.56440398 71.52053 
27 'helical symmetry operation' ?     ?     0.30518674  0.36154170  0.88099299  -39.65049 -0.49312028 0.85143331 -0.17858811 -18.30201 -0.81467383 -0.37993279 0.43812970  19.89715 
28 'helical symmetry operation' ?     ?     0.62535990  -0.38623810 -0.67804508 22.92621  0.31529154  0.91989353 -0.23321052 -7.54870  0.71380406  -0.06794137 0.69704213  30.75057 
29 'helical symmetry operation' ?     ?     -0.97523301 -0.21902824 0.03077675  -23.96084 -0.15502672 0.57765079 -0.80142765 5.93580   0.15775708  -0.78634992 -0.59729934 72.81062 
30 'helical symmetry operation' ?     ?     0.50854543  0.34029734  0.79093569  -33.06461 -0.43336535 0.89491597 -0.10639493 -25.31068 -0.74402689 -0.28865747 0.60257850  17.22237  
# 
loop_
_struct_conf.conf_type_id 
_struct_conf.id 
_struct_conf.pdbx_PDB_helix_id 
_struct_conf.beg_label_comp_id 
_struct_conf.beg_label_asym_id 
_struct_conf.beg_label_seq_id 
_struct_conf.pdbx_beg_PDB_ins_code 
_struct_conf.end_label_comp_id 
_struct_conf.end_label_asym_id 
_struct_conf.end_label_seq_id 
_struct_conf.pdbx_end_PDB_ins_code 
_struct_conf.beg_auth_comp_id 
_struct_conf.beg_auth_asym_id 
_struct_conf.beg_auth_seq_id 
_struct_conf.end_auth_comp_id 
_struct_conf.end_auth_asym_id 
_struct_conf.end_auth_seq_id 
_struct_conf.pdbx_PDB_helix_class 
_struct_conf.details 
_struct_conf.pdbx_PDB_helix_length 
HELX_P HELX_P1 AA1 GLN A 1 ? GLU A 29 ? GLN A 1 GLU A 29 1 ? 29 
HELX_P HELX_P2 AA2 ALA B 2 ? GLU B 29 ? ALA a 2 GLU a 29 1 ? 28 
# 
_struct_conf_type.id          HELX_P 
_struct_conf_type.criteria    ? 
_struct_conf_type.reference   ? 
# 
_pdbx_helical_symmetry.entry_id                  7RX4 
_pdbx_helical_symmetry.number_of_operations      30 
_pdbx_helical_symmetry.rotation_per_n_subunits   124.300000 
_pdbx_helical_symmetry.rise_per_n_subunits       1.907000 
_pdbx_helical_symmetry.n_subunits_divisor        1 
_pdbx_helical_symmetry.dyad_axis                 no 
_pdbx_helical_symmetry.circular_symmetry         1 
# 
_em_3d_fitting.entry_id          7RX4 
_em_3d_fitting.id                1 
_em_3d_fitting.details           ? 
_em_3d_fitting.overall_b_value   ? 
_em_3d_fitting.ref_protocol      ? 
_em_3d_fitting.ref_space         ? 
_em_3d_fitting.target_criteria   ? 
_em_3d_fitting.method            ? 
# 
_em_3d_reconstruction.entry_id                    7RX4 
_em_3d_reconstruction.id                          1 
_em_3d_reconstruction.algorithm                   ? 
_em_3d_reconstruction.details                     ? 
_em_3d_reconstruction.refinement_type             ? 
_em_3d_reconstruction.image_processing_id         1 
_em_3d_reconstruction.num_class_averages          ? 
_em_3d_reconstruction.num_particles               1000000 
_em_3d_reconstruction.resolution                  3.8 
_em_3d_reconstruction.resolution_method           'FSC 0.143 CUT-OFF' 
_em_3d_reconstruction.symmetry_type               HELICAL 
_em_3d_reconstruction.method                      ? 
_em_3d_reconstruction.nominal_pixel_size          ? 
_em_3d_reconstruction.actual_pixel_size           ? 
_em_3d_reconstruction.magnification_calibration   ? 
# 
_em_buffer.id            1 
_em_buffer.details       ? 
_em_buffer.pH            4 
_em_buffer.specimen_id   1 
_em_buffer.name          ? 
# 
_em_entity_assembly.id                   1 
_em_entity_assembly.parent_id            0 
_em_entity_assembly.details              ? 
_em_entity_assembly.name                 'AS2 peptide nanotube' 
_em_entity_assembly.source               NATURAL 
_em_entity_assembly.type                 COMPLEX 
_em_entity_assembly.entity_id_list       1 
_em_entity_assembly.synonym              ? 
_em_entity_assembly.oligomeric_details   ? 
# 
_em_imaging.id                              1 
_em_imaging.entry_id                        7RX4 
_em_imaging.accelerating_voltage            300 
_em_imaging.alignment_procedure             ? 
_em_imaging.c2_aperture_diameter            ? 
_em_imaging.calibrated_defocus_max          ? 
_em_imaging.calibrated_defocus_min          ? 
_em_imaging.calibrated_magnification        ? 
_em_imaging.cryogen                         ? 
_em_imaging.details                         ? 
_em_imaging.electron_source                 'FIELD EMISSION GUN' 
_em_imaging.illumination_mode               'FLOOD BEAM' 
_em_imaging.microscope_model                'FEI TITAN KRIOS' 
_em_imaging.mode                            'BRIGHT FIELD' 
_em_imaging.nominal_cs                      ? 
_em_imaging.nominal_defocus_max             ? 
_em_imaging.nominal_defocus_min             ? 
_em_imaging.nominal_magnification           ? 
_em_imaging.recording_temperature_maximum   ? 
_em_imaging.recording_temperature_minimum   ? 
_em_imaging.residual_tilt                   ? 
_em_imaging.specimen_holder_model           ? 
_em_imaging.specimen_id                     1 
_em_imaging.citation_id                     ? 
_em_imaging.date                            ? 
_em_imaging.temperature                     ? 
_em_imaging.tilt_angle_min                  ? 
_em_imaging.tilt_angle_max                  ? 
_em_imaging.astigmatism                     ? 
_em_imaging.detector_distance               ? 
_em_imaging.electron_beam_tilt_params       ? 
_em_imaging.specimen_holder_type            ? 
# 
_em_vitrification.id                    1 
_em_vitrification.specimen_id           1 
_em_vitrification.chamber_temperature   ? 
_em_vitrification.cryogen_name          ETHANE 
_em_vitrification.details               ? 
_em_vitrification.humidity              ? 
_em_vitrification.instrument            ? 
_em_vitrification.entry_id              7RX4 
_em_vitrification.citation_id           ? 
_em_vitrification.method                ? 
_em_vitrification.temp                  ? 
_em_vitrification.time_resolved_state   ? 
# 
_em_experiment.entry_id                7RX4 
_em_experiment.id                      1 
_em_experiment.aggregation_state       FILAMENT 
_em_experiment.reconstruction_method   HELICAL 
_em_experiment.entity_assembly_id      1 
# 
loop_
_chem_comp_atom.comp_id 
_chem_comp_atom.atom_id 
_chem_comp_atom.type_symbol 
_chem_comp_atom.pdbx_aromatic_flag 
_chem_comp_atom.pdbx_stereo_config 
_chem_comp_atom.pdbx_ordinal 
ALA N    N N N 1   
ALA CA   C N S 2   
ALA C    C N N 3   
ALA O    O N N 4   
ALA CB   C N N 5   
ALA OXT  O N N 6   
ALA H    H N N 7   
ALA H2   H N N 8   
ALA HA   H N N 9   
ALA HB1  H N N 10  
ALA HB2  H N N 11  
ALA HB3  H N N 12  
ALA HXT  H N N 13  
ARG N    N N N 14  
ARG CA   C N S 15  
ARG C    C N N 16  
ARG O    O N N 17  
ARG CB   C N N 18  
ARG CG   C N N 19  
ARG CD   C N N 20  
ARG NE   N N N 21  
ARG CZ   C N N 22  
ARG NH1  N N N 23  
ARG NH2  N N N 24  
ARG OXT  O N N 25  
ARG H    H N N 26  
ARG H2   H N N 27  
ARG HA   H N N 28  
ARG HB2  H N N 29  
ARG HB3  H N N 30  
ARG HG2  H N N 31  
ARG HG3  H N N 32  
ARG HD2  H N N 33  
ARG HD3  H N N 34  
ARG HE   H N N 35  
ARG HH11 H N N 36  
ARG HH12 H N N 37  
ARG HH21 H N N 38  
ARG HH22 H N N 39  
ARG HXT  H N N 40  
ASN N    N N N 41  
ASN CA   C N S 42  
ASN C    C N N 43  
ASN O    O N N 44  
ASN CB   C N N 45  
ASN CG   C N N 46  
ASN OD1  O N N 47  
ASN ND2  N N N 48  
ASN OXT  O N N 49  
ASN H    H N N 50  
ASN H2   H N N 51  
ASN HA   H N N 52  
ASN HB2  H N N 53  
ASN HB3  H N N 54  
ASN HD21 H N N 55  
ASN HD22 H N N 56  
ASN HXT  H N N 57  
ASP N    N N N 58  
ASP CA   C N S 59  
ASP C    C N N 60  
ASP O    O N N 61  
ASP CB   C N N 62  
ASP CG   C N N 63  
ASP OD1  O N N 64  
ASP OD2  O N N 65  
ASP OXT  O N N 66  
ASP H    H N N 67  
ASP H2   H N N 68  
ASP HA   H N N 69  
ASP HB2  H N N 70  
ASP HB3  H N N 71  
ASP HD2  H N N 72  
ASP HXT  H N N 73  
GLN N    N N N 74  
GLN CA   C N S 75  
GLN C    C N N 76  
GLN O    O N N 77  
GLN CB   C N N 78  
GLN CG   C N N 79  
GLN CD   C N N 80  
GLN OE1  O N N 81  
GLN NE2  N N N 82  
GLN OXT  O N N 83  
GLN H    H N N 84  
GLN H2   H N N 85  
GLN HA   H N N 86  
GLN HB2  H N N 87  
GLN HB3  H N N 88  
GLN HG2  H N N 89  
GLN HG3  H N N 90  
GLN HE21 H N N 91  
GLN HE22 H N N 92  
GLN HXT  H N N 93  
GLU N    N N N 94  
GLU CA   C N S 95  
GLU C    C N N 96  
GLU O    O N N 97  
GLU CB   C N N 98  
GLU CG   C N N 99  
GLU CD   C N N 100 
GLU OE1  O N N 101 
GLU OE2  O N N 102 
GLU OXT  O N N 103 
GLU H    H N N 104 
GLU H2   H N N 105 
GLU HA   H N N 106 
GLU HB2  H N N 107 
GLU HB3  H N N 108 
GLU HG2  H N N 109 
GLU HG3  H N N 110 
GLU HE2  H N N 111 
GLU HXT  H N N 112 
HIS N    N N N 113 
HIS CA   C N S 114 
HIS C    C N N 115 
HIS O    O N N 116 
HIS CB   C N N 117 
HIS CG   C Y N 118 
HIS ND1  N Y N 119 
HIS CD2  C Y N 120 
HIS CE1  C Y N 121 
HIS NE2  N Y N 122 
HIS OXT  O N N 123 
HIS H    H N N 124 
HIS H2   H N N 125 
HIS HA   H N N 126 
HIS HB2  H N N 127 
HIS HB3  H N N 128 
HIS HD1  H N N 129 
HIS HD2  H N N 130 
HIS HE1  H N N 131 
HIS HE2  H N N 132 
HIS HXT  H N N 133 
ILE N    N N N 134 
ILE CA   C N S 135 
ILE C    C N N 136 
ILE O    O N N 137 
ILE CB   C N S 138 
ILE CG1  C N N 139 
ILE CG2  C N N 140 
ILE CD1  C N N 141 
ILE OXT  O N N 142 
ILE H    H N N 143 
ILE H2   H N N 144 
ILE HA   H N N 145 
ILE HB   H N N 146 
ILE HG12 H N N 147 
ILE HG13 H N N 148 
ILE HG21 H N N 149 
ILE HG22 H N N 150 
ILE HG23 H N N 151 
ILE HD11 H N N 152 
ILE HD12 H N N 153 
ILE HD13 H N N 154 
ILE HXT  H N N 155 
LEU N    N N N 156 
LEU CA   C N S 157 
LEU C    C N N 158 
LEU O    O N N 159 
LEU CB   C N N 160 
LEU CG   C N N 161 
LEU CD1  C N N 162 
LEU CD2  C N N 163 
LEU OXT  O N N 164 
LEU H    H N N 165 
LEU H2   H N N 166 
LEU HA   H N N 167 
LEU HB2  H N N 168 
LEU HB3  H N N 169 
LEU HG   H N N 170 
LEU HD11 H N N 171 
LEU HD12 H N N 172 
LEU HD13 H N N 173 
LEU HD21 H N N 174 
LEU HD22 H N N 175 
LEU HD23 H N N 176 
LEU HXT  H N N 177 
SER N    N N N 178 
SER CA   C N S 179 
SER C    C N N 180 
SER O    O N N 181 
SER CB   C N N 182 
SER OG   O N N 183 
SER OXT  O N N 184 
SER H    H N N 185 
SER H2   H N N 186 
SER HA   H N N 187 
SER HB2  H N N 188 
SER HB3  H N N 189 
SER HG   H N N 190 
SER HXT  H N N 191 
TYR N    N N N 192 
TYR CA   C N S 193 
TYR C    C N N 194 
TYR O    O N N 195 
TYR CB   C N N 196 
TYR CG   C Y N 197 
TYR CD1  C Y N 198 
TYR CD2  C Y N 199 
TYR CE1  C Y N 200 
TYR CE2  C Y N 201 
TYR CZ   C Y N 202 
TYR OH   O N N 203 
TYR OXT  O N N 204 
TYR H    H N N 205 
TYR H2   H N N 206 
TYR HA   H N N 207 
TYR HB2  H N N 208 
TYR HB3  H N N 209 
TYR HD1  H N N 210 
TYR HD2  H N N 211 
TYR HE1  H N N 212 
TYR HE2  H N N 213 
TYR HH   H N N 214 
TYR HXT  H N N 215 
# 
loop_
_chem_comp_bond.comp_id 
_chem_comp_bond.atom_id_1 
_chem_comp_bond.atom_id_2 
_chem_comp_bond.value_order 
_chem_comp_bond.pdbx_aromatic_flag 
_chem_comp_bond.pdbx_stereo_config 
_chem_comp_bond.pdbx_ordinal 
ALA N   CA   sing N N 1   
ALA N   H    sing N N 2   
ALA N   H2   sing N N 3   
ALA CA  C    sing N N 4   
ALA CA  CB   sing N N 5   
ALA CA  HA   sing N N 6   
ALA C   O    doub N N 7   
ALA C   OXT  sing N N 8   
ALA CB  HB1  sing N N 9   
ALA CB  HB2  sing N N 10  
ALA CB  HB3  sing N N 11  
ALA OXT HXT  sing N N 12  
ARG N   CA   sing N N 13  
ARG N   H    sing N N 14  
ARG N   H2   sing N N 15  
ARG CA  C    sing N N 16  
ARG CA  CB   sing N N 17  
ARG CA  HA   sing N N 18  
ARG C   O    doub N N 19  
ARG C   OXT  sing N N 20  
ARG CB  CG   sing N N 21  
ARG CB  HB2  sing N N 22  
ARG CB  HB3  sing N N 23  
ARG CG  CD   sing N N 24  
ARG CG  HG2  sing N N 25  
ARG CG  HG3  sing N N 26  
ARG CD  NE   sing N N 27  
ARG CD  HD2  sing N N 28  
ARG CD  HD3  sing N N 29  
ARG NE  CZ   sing N N 30  
ARG NE  HE   sing N N 31  
ARG CZ  NH1  sing N N 32  
ARG CZ  NH2  doub N N 33  
ARG NH1 HH11 sing N N 34  
ARG NH1 HH12 sing N N 35  
ARG NH2 HH21 sing N N 36  
ARG NH2 HH22 sing N N 37  
ARG OXT HXT  sing N N 38  
ASN N   CA   sing N N 39  
ASN N   H    sing N N 40  
ASN N   H2   sing N N 41  
ASN CA  C    sing N N 42  
ASN CA  CB   sing N N 43  
ASN CA  HA   sing N N 44  
ASN C   O    doub N N 45  
ASN C   OXT  sing N N 46  
ASN CB  CG   sing N N 47  
ASN CB  HB2  sing N N 48  
ASN CB  HB3  sing N N 49  
ASN CG  OD1  doub N N 50  
ASN CG  ND2  sing N N 51  
ASN ND2 HD21 sing N N 52  
ASN ND2 HD22 sing N N 53  
ASN OXT HXT  sing N N 54  
ASP N   CA   sing N N 55  
ASP N   H    sing N N 56  
ASP N   H2   sing N N 57  
ASP CA  C    sing N N 58  
ASP CA  CB   sing N N 59  
ASP CA  HA   sing N N 60  
ASP C   O    doub N N 61  
ASP C   OXT  sing N N 62  
ASP CB  CG   sing N N 63  
ASP CB  HB2  sing N N 64  
ASP CB  HB3  sing N N 65  
ASP CG  OD1  doub N N 66  
ASP CG  OD2  sing N N 67  
ASP OD2 HD2  sing N N 68  
ASP OXT HXT  sing N N 69  
GLN N   CA   sing N N 70  
GLN N   H    sing N N 71  
GLN N   H2   sing N N 72  
GLN CA  C    sing N N 73  
GLN CA  CB   sing N N 74  
GLN CA  HA   sing N N 75  
GLN C   O    doub N N 76  
GLN C   OXT  sing N N 77  
GLN CB  CG   sing N N 78  
GLN CB  HB2  sing N N 79  
GLN CB  HB3  sing N N 80  
GLN CG  CD   sing N N 81  
GLN CG  HG2  sing N N 82  
GLN CG  HG3  sing N N 83  
GLN CD  OE1  doub N N 84  
GLN CD  NE2  sing N N 85  
GLN NE2 HE21 sing N N 86  
GLN NE2 HE22 sing N N 87  
GLN OXT HXT  sing N N 88  
GLU N   CA   sing N N 89  
GLU N   H    sing N N 90  
GLU N   H2   sing N N 91  
GLU CA  C    sing N N 92  
GLU CA  CB   sing N N 93  
GLU CA  HA   sing N N 94  
GLU C   O    doub N N 95  
GLU C   OXT  sing N N 96  
GLU CB  CG   sing N N 97  
GLU CB  HB2  sing N N 98  
GLU CB  HB3  sing N N 99  
GLU CG  CD   sing N N 100 
GLU CG  HG2  sing N N 101 
GLU CG  HG3  sing N N 102 
GLU CD  OE1  doub N N 103 
GLU CD  OE2  sing N N 104 
GLU OE2 HE2  sing N N 105 
GLU OXT HXT  sing N N 106 
HIS N   CA   sing N N 107 
HIS N   H    sing N N 108 
HIS N   H2   sing N N 109 
HIS CA  C    sing N N 110 
HIS CA  CB   sing N N 111 
HIS CA  HA   sing N N 112 
HIS C   O    doub N N 113 
HIS C   OXT  sing N N 114 
HIS CB  CG   sing N N 115 
HIS CB  HB2  sing N N 116 
HIS CB  HB3  sing N N 117 
HIS CG  ND1  sing Y N 118 
HIS CG  CD2  doub Y N 119 
HIS ND1 CE1  doub Y N 120 
HIS ND1 HD1  sing N N 121 
HIS CD2 NE2  sing Y N 122 
HIS CD2 HD2  sing N N 123 
HIS CE1 NE2  sing Y N 124 
HIS CE1 HE1  sing N N 125 
HIS NE2 HE2  sing N N 126 
HIS OXT HXT  sing N N 127 
ILE N   CA   sing N N 128 
ILE N   H    sing N N 129 
ILE N   H2   sing N N 130 
ILE CA  C    sing N N 131 
ILE CA  CB   sing N N 132 
ILE CA  HA   sing N N 133 
ILE C   O    doub N N 134 
ILE C   OXT  sing N N 135 
ILE CB  CG1  sing N N 136 
ILE CB  CG2  sing N N 137 
ILE CB  HB   sing N N 138 
ILE CG1 CD1  sing N N 139 
ILE CG1 HG12 sing N N 140 
ILE CG1 HG13 sing N N 141 
ILE CG2 HG21 sing N N 142 
ILE CG2 HG22 sing N N 143 
ILE CG2 HG23 sing N N 144 
ILE CD1 HD11 sing N N 145 
ILE CD1 HD12 sing N N 146 
ILE CD1 HD13 sing N N 147 
ILE OXT HXT  sing N N 148 
LEU N   CA   sing N N 149 
LEU N   H    sing N N 150 
LEU N   H2   sing N N 151 
LEU CA  C    sing N N 152 
LEU CA  CB   sing N N 153 
LEU CA  HA   sing N N 154 
LEU C   O    doub N N 155 
LEU C   OXT  sing N N 156 
LEU CB  CG   sing N N 157 
LEU CB  HB2  sing N N 158 
LEU CB  HB3  sing N N 159 
LEU CG  CD1  sing N N 160 
LEU CG  CD2  sing N N 161 
LEU CG  HG   sing N N 162 
LEU CD1 HD11 sing N N 163 
LEU CD1 HD12 sing N N 164 
LEU CD1 HD13 sing N N 165 
LEU CD2 HD21 sing N N 166 
LEU CD2 HD22 sing N N 167 
LEU CD2 HD23 sing N N 168 
LEU OXT HXT  sing N N 169 
SER N   CA   sing N N 170 
SER N   H    sing N N 171 
SER N   H2   sing N N 172 
SER CA  C    sing N N 173 
SER CA  CB   sing N N 174 
SER CA  HA   sing N N 175 
SER C   O    doub N N 176 
SER C   OXT  sing N N 177 
SER CB  OG   sing N N 178 
SER CB  HB2  sing N N 179 
SER CB  HB3  sing N N 180 
SER OG  HG   sing N N 181 
SER OXT HXT  sing N N 182 
TYR N   CA   sing N N 183 
TYR N   H    sing N N 184 
TYR N   H2   sing N N 185 
TYR CA  C    sing N N 186 
TYR CA  CB   sing N N 187 
TYR CA  HA   sing N N 188 
TYR C   O    doub N N 189 
TYR C   OXT  sing N N 190 
TYR CB  CG   sing N N 191 
TYR CB  HB2  sing N N 192 
TYR CB  HB3  sing N N 193 
TYR CG  CD1  doub Y N 194 
TYR CG  CD2  sing Y N 195 
TYR CD1 CE1  sing Y N 196 
TYR CD1 HD1  sing N N 197 
TYR CD2 CE2  doub Y N 198 
TYR CD2 HD2  sing N N 199 
TYR CE1 CZ   doub Y N 200 
TYR CE1 HE1  sing N N 201 
TYR CE2 CZ   sing Y N 202 
TYR CE2 HE2  sing N N 203 
TYR CZ  OH   sing N N 204 
TYR OH  HH   sing N N 205 
TYR OXT HXT  sing N N 206 
# 
_em_ctf_correction.id                       1 
_em_ctf_correction.em_image_processing_id   1 
_em_ctf_correction.type                     'PHASE FLIPPING AND AMPLITUDE CORRECTION' 
_em_ctf_correction.details                  ? 
# 
_em_entity_assembly_naturalsource.id                   2 
_em_entity_assembly_naturalsource.entity_assembly_id   1 
_em_entity_assembly_naturalsource.cell                 ? 
_em_entity_assembly_naturalsource.cellular_location    ? 
_em_entity_assembly_naturalsource.ncbi_tax_id          32630 
_em_entity_assembly_naturalsource.organ                ? 
_em_entity_assembly_naturalsource.organelle            ? 
_em_entity_assembly_naturalsource.organism             'Synthetic construct' 
_em_entity_assembly_naturalsource.strain               ? 
_em_entity_assembly_naturalsource.tissue               ? 
# 
_em_helical_entity.id                             1 
_em_helical_entity.image_processing_id            1 
_em_helical_entity.angular_rotation_per_subunit   124.3 
_em_helical_entity.axial_rise_per_subunit         1.907 
_em_helical_entity.axial_symmetry                 C1 
_em_helical_entity.details                        ? 
# 
_em_image_processing.id                   1 
_em_image_processing.image_recording_id   1 
_em_image_processing.details              ? 
# 
_em_image_recording.id                            1 
_em_image_recording.imaging_id                    1 
_em_image_recording.avg_electron_dose_per_image   50 
_em_image_recording.average_exposure_time         ? 
_em_image_recording.details                       ? 
_em_image_recording.detector_mode                 ? 
_em_image_recording.film_or_detector_model        'GATAN K3 (6k x 4k)' 
_em_image_recording.num_diffraction_images        ? 
_em_image_recording.num_grids_imaged              ? 
_em_image_recording.num_real_images               ? 
# 
loop_
_em_software.id 
_em_software.category 
_em_software.details 
_em_software.name 
_em_software.version 
_em_software.image_processing_id 
_em_software.fitting_id 
_em_software.imaging_id 
1  'PARTICLE SELECTION'       ? ? ? 1 ? ? 
2  'IMAGE ACQUISITION'        ? ? ? ? ? 1 
3  MASKING                    ? ? ? ? ? ? 
4  'CTF CORRECTION'           ? ? ? 1 ? ? 
5  'LAYERLINE INDEXING'       ? ? ? ? ? ? 
6  'DIFFRACTION INDEXING'     ? ? ? ? ? ? 
7  'MODEL FITTING'            ? ? ? ? ? ? 
8  'MODEL REFINEMENT'         ? ? ? ? ? ? 
9  OTHER                      ? ? ? ? ? ? 
10 'INITIAL EULER ASSIGNMENT' ? ? ? 1 ? ? 
11 'FINAL EULER ASSIGNMENT'   ? ? ? 1 ? ? 
12 CLASSIFICATION             ? ? ? 1 ? ? 
13 RECONSTRUCTION             ? ? ? 1 ? ? 
# 
_em_specimen.id                      1 
_em_specimen.experiment_id           1 
_em_specimen.concentration           ? 
_em_specimen.details                 ? 
_em_specimen.embedding_applied       NO 
_em_specimen.shadowing_applied       NO 
_em_specimen.staining_applied        NO 
_em_specimen.vitrification_applied   YES 
# 
loop_
_pdbx_audit_support.funding_organization 
_pdbx_audit_support.country 
_pdbx_audit_support.grant_number 
_pdbx_audit_support.ordinal 
'National Science Foundation (NSF, United States)'                                         'United States' NSF-DMR-1533958 1 
'National Institutes of Health/National Institute of General Medical Sciences (NIH/NIGMS)' 'United States' R35GM122510     2 
'National Institutes of Health/National Institute of General Medical Sciences (NIH/NIGMS)' 'United States' K99GM138756     3 
# 
_atom_sites.entry_id                    7RX4 
_atom_sites.Cartn_transf_matrix[1][1]   ? 
_atom_sites.Cartn_transf_matrix[1][2]   ? 
_atom_sites.Cartn_transf_matrix[1][3]   ? 
_atom_sites.Cartn_transf_matrix[2][1]   ? 
_atom_sites.Cartn_transf_matrix[2][2]   ? 
_atom_sites.Cartn_transf_matrix[2][3]   ? 
_atom_sites.Cartn_transf_matrix[3][1]   ? 
_atom_sites.Cartn_transf_matrix[3][2]   ? 
_atom_sites.Cartn_transf_matrix[3][3]   ? 
_atom_sites.Cartn_transf_vector[1]      ? 
_atom_sites.Cartn_transf_vector[2]      ? 
_atom_sites.Cartn_transf_vector[3]      ? 
_atom_sites.fract_transf_matrix[1][1]   1.000000 
_atom_sites.fract_transf_matrix[1][2]   0.000000 
_atom_sites.fract_transf_matrix[1][3]   0.000000 
_atom_sites.fract_transf_matrix[2][1]   0.000000 
_atom_sites.fract_transf_matrix[2][2]   1.000000 
_atom_sites.fract_transf_matrix[2][3]   0.000000 
_atom_sites.fract_transf_matrix[3][1]   0.000000 
_atom_sites.fract_transf_matrix[3][2]   0.000000 
_atom_sites.fract_transf_matrix[3][3]   1.000000 
_atom_sites.fract_transf_vector[1]      0.00000 
_atom_sites.fract_transf_vector[2]      0.00000 
_atom_sites.fract_transf_vector[3]      0.00000 
_atom_sites.solution_primary            ? 
_atom_sites.solution_secondary          ? 
_atom_sites.solution_hydrogens          ? 
_atom_sites.special_details             ? 
# 
loop_
_atom_type.symbol 
C 
N 
O 
# 
loop_
_atom_site.group_PDB 
_atom_site.id 
_atom_site.type_symbol 
_atom_site.label_atom_id 
_atom_site.label_alt_id 
_atom_site.label_comp_id 
_atom_site.label_asym_id 
_atom_site.label_entity_id 
_atom_site.label_seq_id 
_atom_site.pdbx_PDB_ins_code 
_atom_site.Cartn_x 
_atom_site.Cartn_y 
_atom_site.Cartn_z 
_atom_site.occupancy 
_atom_site.B_iso_or_equiv 
_atom_site.pdbx_formal_charge 
_atom_site.auth_seq_id 
_atom_site.auth_comp_id 
_atom_site.auth_asym_id 
_atom_site.auth_atom_id 
_atom_site.pdbx_PDB_model_num 
ATOM 1   N N   . GLN A 1 1  ? 15.848  18.846  8.516   1.00 33.29 ? 1  GLN A N   1 
ATOM 2   C CA  . GLN A 1 1  ? 15.588  17.684  7.677   1.00 33.29 ? 1  GLN A CA  1 
ATOM 3   C C   . GLN A 1 1  ? 14.656  16.703  8.374   1.00 33.29 ? 1  GLN A C   1 
ATOM 4   O O   . GLN A 1 1  ? 14.471  15.578  7.915   1.00 33.29 ? 1  GLN A O   1 
ATOM 5   C CB  . GLN A 1 1  ? 16.895  16.986  7.302   1.00 33.29 ? 1  GLN A CB  1 
ATOM 6   C CG  . GLN A 1 1  ? 17.812  17.820  6.429   1.00 33.29 ? 1  GLN A CG  1 
ATOM 7   C CD  . GLN A 1 1  ? 19.099  17.099  6.086   1.00 33.29 ? 1  GLN A CD  1 
ATOM 8   O OE1 . GLN A 1 1  ? 19.332  15.975  6.532   1.00 33.29 ? 1  GLN A OE1 1 
ATOM 9   N NE2 . GLN A 1 1  ? 19.947  17.744  5.292   1.00 33.29 ? 1  GLN A NE2 1 
ATOM 10  N N   . ALA A 1 2  ? 14.075  17.131  9.497   1.00 28.54 ? 2  ALA A N   1 
ATOM 11  C CA  . ALA A 1 2  ? 13.126  16.279  10.202  1.00 28.54 ? 2  ALA A CA  1 
ATOM 12  C C   . ALA A 1 2  ? 11.786  16.231  9.481   1.00 28.54 ? 2  ALA A C   1 
ATOM 13  O O   . ALA A 1 2  ? 11.044  15.249  9.595   1.00 28.54 ? 2  ALA A O   1 
ATOM 14  C CB  . ALA A 1 2  ? 12.944  16.767  11.638  1.00 28.54 ? 2  ALA A CB  1 
ATOM 15  N N   . ARG A 1 3  ? 11.457  17.289  8.736   1.00 28.55 ? 3  ARG A N   1 
ATOM 16  C CA  . ARG A 1 3  ? 10.182  17.331  8.029   1.00 28.55 ? 3  ARG A CA  1 
ATOM 17  C C   . ARG A 1 3  ? 10.093  16.263  6.946   1.00 28.55 ? 3  ARG A C   1 
ATOM 18  O O   . ARG A 1 3  ? 9.041   15.639  6.780   1.00 28.55 ? 3  ARG A O   1 
ATOM 19  C CB  . ARG A 1 3  ? 9.961   18.717  7.426   1.00 28.55 ? 3  ARG A CB  1 
ATOM 20  C CG  . ARG A 1 3  ? 9.608   19.774  8.451   1.00 28.55 ? 3  ARG A CG  1 
ATOM 21  C CD  . ARG A 1 3  ? 8.341   19.401  9.198   1.00 28.55 ? 3  ARG A CD  1 
ATOM 22  N NE  . ARG A 1 3  ? 7.229   19.157  8.289   1.00 28.55 ? 3  ARG A NE  1 
ATOM 23  C CZ  . ARG A 1 3  ? 6.245   20.016  8.062   1.00 28.55 ? 3  ARG A CZ  1 
ATOM 24  N NH1 . ARG A 1 3  ? 6.200   21.190  8.671   1.00 28.55 ? 3  ARG A NH1 1 
ATOM 25  N NH2 . ARG A 1 3  ? 5.283   19.689  7.205   1.00 28.55 ? 3  ARG A NH2 1 
ATOM 26  N N   . ILE A 1 4  ? 11.179  16.039  6.203   1.00 26.86 ? 4  ILE A N   1 
ATOM 27  C CA  . ILE A 1 4  ? 11.164  15.028  5.147   1.00 26.86 ? 4  ILE A CA  1 
ATOM 28  C C   . ILE A 1 4  ? 10.928  13.645  5.744   1.00 26.86 ? 4  ILE A C   1 
ATOM 29  O O   . ILE A 1 4  ? 10.127  12.850  5.235   1.00 26.86 ? 4  ILE A O   1 
ATOM 30  C CB  . ILE A 1 4  ? 12.472  15.074  4.341   1.00 26.86 ? 4  ILE A CB  1 
ATOM 31  C CG1 . ILE A 1 4  ? 12.803  16.511  3.941   1.00 26.86 ? 4  ILE A CG1 1 
ATOM 32  C CG2 . ILE A 1 4  ? 12.368  14.198  3.108   1.00 26.86 ? 4  ILE A CG2 1 
ATOM 33  C CD1 . ILE A 1 4  ? 14.145  16.659  3.263   1.00 26.86 ? 4  ILE A CD1 1 
ATOM 34  N N   . LEU A 1 5  ? 11.624  13.342  6.838   1.00 27.16 ? 5  LEU A N   1 
ATOM 35  C CA  . LEU A 1 5  ? 11.466  12.041  7.477   1.00 27.16 ? 5  LEU A CA  1 
ATOM 36  C C   . LEU A 1 5  ? 10.080  11.880  8.092   1.00 27.16 ? 5  LEU A C   1 
ATOM 37  O O   . LEU A 1 5  ? 9.500   10.788  8.035   1.00 27.16 ? 5  LEU A O   1 
ATOM 38  C CB  . LEU A 1 5  ? 12.556  11.846  8.529   1.00 27.16 ? 5  LEU A CB  1 
ATOM 39  C CG  . LEU A 1 5  ? 13.922  11.333  8.065   1.00 27.16 ? 5  LEU A CG  1 
ATOM 40  C CD1 . LEU A 1 5  ? 14.638  12.340  7.180   1.00 27.16 ? 5  LEU A CD1 1 
ATOM 41  C CD2 . LEU A 1 5  ? 14.781  10.991  9.266   1.00 27.16 ? 5  LEU A CD2 1 
ATOM 42  N N   . GLU A 1 6  ? 9.529   12.948  8.673   1.00 25.43 ? 6  GLU A N   1 
ATOM 43  C CA  . GLU A 1 6  ? 8.170   12.878  9.200   1.00 25.43 ? 6  GLU A CA  1 
ATOM 44  C C   . GLU A 1 6  ? 7.162   12.651  8.081   1.00 25.43 ? 6  GLU A C   1 
ATOM 45  O O   . GLU A 1 6  ? 6.178   11.923  8.252   1.00 25.43 ? 6  GLU A O   1 
ATOM 46  C CB  . GLU A 1 6  ? 7.841   14.150  9.978   1.00 25.43 ? 6  GLU A CB  1 
ATOM 47  C CG  . GLU A 1 6  ? 8.447   14.195  11.368  1.00 25.43 ? 6  GLU A CG  1 
ATOM 48  C CD  . GLU A 1 6  ? 7.776   13.235  12.329  1.00 25.43 ? 6  GLU A CD  1 
ATOM 49  O OE1 . GLU A 1 6  ? 6.649   12.787  12.033  1.00 25.43 ? 6  GLU A OE1 1 
ATOM 50  O OE2 . GLU A 1 6  ? 8.376   12.928  13.381  1.00 25.43 ? 6  GLU A OE2 1 
ATOM 51  N N   . ALA A 1 7  ? 7.390   13.272  6.923   1.00 25.41 ? 7  ALA A N   1 
ATOM 52  C CA  . ALA A 1 7  ? 6.526   13.030  5.774   1.00 25.41 ? 7  ALA A CA  1 
ATOM 53  C C   . ALA A 1 7  ? 6.629   11.589  5.287   1.00 25.41 ? 7  ALA A C   1 
ATOM 54  O O   . ALA A 1 7  ? 5.621   10.992  4.893   1.00 25.41 ? 7  ALA A O   1 
ATOM 55  C CB  . ALA A 1 7  ? 6.870   14.003  4.650   1.00 25.41 ? 7  ALA A CB  1 
ATOM 56  N N   . ASP A 1 8  ? 7.835   11.019  5.301   1.00 25.44 ? 8  ASP A N   1 
ATOM 57  C CA  . ASP A 1 8  ? 7.985   9.603   4.972   1.00 25.44 ? 8  ASP A CA  1 
ATOM 58  C C   . ASP A 1 8  ? 7.198   8.733   5.945   1.00 25.44 ? 8  ASP A C   1 
ATOM 59  O O   . ASP A 1 8  ? 6.515   7.780   5.542   1.00 25.44 ? 8  ASP A O   1 
ATOM 60  C CB  . ASP A 1 8  ? 9.464   9.215   4.981   1.00 25.44 ? 8  ASP A CB  1 
ATOM 61  C CG  . ASP A 1 8  ? 10.218  9.761   3.791   1.00 25.44 ? 8  ASP A CG  1 
ATOM 62  O OD1 . ASP A 1 8  ? 9.591   9.953   2.731   1.00 25.44 ? 8  ASP A OD1 1 
ATOM 63  O OD2 . ASP A 1 8  ? 11.439  9.998   3.912   1.00 25.44 ? 8  ASP A OD2 1 
ATOM 64  N N   . ALA A 1 9  ? 7.280   9.051   7.238   1.00 24.45 ? 9  ALA A N   1 
ATOM 65  C CA  . ALA A 1 9  ? 6.506   8.312   8.229   1.00 24.45 ? 9  ALA A CA  1 
ATOM 66  C C   . ALA A 1 9  ? 5.011   8.442   7.975   1.00 24.45 ? 9  ALA A C   1 
ATOM 67  O O   . ALA A 1 9  ? 4.266   7.470   8.140   1.00 24.45 ? 9  ALA A O   1 
ATOM 68  C CB  . ALA A 1 9  ? 6.852   8.794   9.637   1.00 24.45 ? 9  ALA A CB  1 
ATOM 69  N N   . ARG A 1 10 ? 4.556   9.632   7.577   1.00 23.63 ? 10 ARG A N   1 
ATOM 70  C CA  . ARG A 1 10 ? 3.143   9.818   7.261   1.00 23.63 ? 10 ARG A CA  1 
ATOM 71  C C   . ARG A 1 10 ? 2.731   8.986   6.053   1.00 23.63 ? 10 ARG A C   1 
ATOM 72  O O   . ARG A 1 10 ? 1.632   8.422   6.028   1.00 23.63 ? 10 ARG A O   1 
ATOM 73  C CB  . ARG A 1 10 ? 2.846   11.295  7.016   1.00 23.63 ? 10 ARG A CB  1 
ATOM 74  C CG  . ARG A 1 10 ? 2.806   12.132  8.279   1.00 23.63 ? 10 ARG A CG  1 
ATOM 75  C CD  . ARG A 1 10 ? 1.884   13.324  8.115   1.00 23.63 ? 10 ARG A CD  1 
ATOM 76  N NE  . ARG A 1 10 ? 2.275   14.437  8.972   1.00 23.63 ? 10 ARG A NE  1 
ATOM 77  C CZ  . ARG A 1 10 ? 1.731   15.645  8.924   1.00 23.63 ? 10 ARG A CZ  1 
ATOM 78  N NH1 . ARG A 1 10 ? 0.761   15.933  8.072   1.00 23.63 ? 10 ARG A NH1 1 
ATOM 79  N NH2 . ARG A 1 10 ? 2.172   16.588  9.753   1.00 23.63 ? 10 ARG A NH2 1 
ATOM 80  N N   . ILE A 1 11 ? 3.595   8.900   5.040   1.00 22.66 ? 11 ILE A N   1 
ATOM 81  C CA  . ILE A 1 11 ? 3.289   8.079   3.867   1.00 22.66 ? 11 ILE A CA  1 
ATOM 82  C C   . ILE A 1 11 ? 3.146   6.616   4.268   1.00 22.66 ? 11 ILE A C   1 
ATOM 83  O O   . ILE A 1 11 ? 2.207   5.918   3.853   1.00 22.66 ? 11 ILE A O   1 
ATOM 84  C CB  . ILE A 1 11 ? 4.369   8.263   2.785   1.00 22.66 ? 11 ILE A CB  1 
ATOM 85  C CG1 . ILE A 1 11 ? 4.125   9.546   1.993   1.00 22.66 ? 11 ILE A CG1 1 
ATOM 86  C CG2 . ILE A 1 11 ? 4.403   7.067   1.848   1.00 22.66 ? 11 ILE A CG2 1 
ATOM 87  C CD1 . ILE A 1 11 ? 5.152   9.788   0.911   1.00 22.66 ? 11 ILE A CD1 1 
ATOM 88  N N   . LEU A 1 12 ? 4.080   6.127   5.085   1.00 22.71 ? 12 LEU A N   1 
ATOM 89  C CA  . LEU A 1 12 ? 4.001   4.735   5.517   1.00 22.71 ? 12 LEU A CA  1 
ATOM 90  C C   . LEU A 1 12 ? 2.765   4.483   6.378   1.00 22.71 ? 12 LEU A C   1 
ATOM 91  O O   . LEU A 1 12 ? 2.118   3.439   6.247   1.00 22.71 ? 12 LEU A O   1 
ATOM 92  C CB  . LEU A 1 12 ? 5.276   4.324   6.253   1.00 22.71 ? 12 LEU A CB  1 
ATOM 93  C CG  . LEU A 1 12 ? 6.483   3.869   5.419   1.00 22.71 ? 12 LEU A CG  1 
ATOM 94  C CD1 . LEU A 1 12 ? 6.136   2.595   4.662   1.00 22.71 ? 12 LEU A CD1 1 
ATOM 95  C CD2 . LEU A 1 12 ? 6.995   4.928   4.457   1.00 22.71 ? 12 LEU A CD2 1 
ATOM 96  N N   . GLN A 1 13 ? 2.408   5.424   7.254   1.00 22.53 ? 13 GLN A N   1 
ATOM 97  C CA  . GLN A 1 13 ? 1.190   5.245   8.041   1.00 22.53 ? 13 GLN A CA  1 
ATOM 98  C C   . GLN A 1 13 ? -0.056  5.293   7.167   1.00 22.53 ? 13 GLN A C   1 
ATOM 99  O O   . GLN A 1 13 ? -1.049  4.621   7.465   1.00 22.53 ? 13 GLN A O   1 
ATOM 100 C CB  . GLN A 1 13 ? 1.101   6.295   9.146   1.00 22.53 ? 13 GLN A CB  1 
ATOM 101 C CG  . GLN A 1 13 ? 1.692   5.842   10.466  1.00 22.53 ? 13 GLN A CG  1 
ATOM 102 C CD  . GLN A 1 13 ? 1.249   6.710   11.626  1.00 22.53 ? 13 GLN A CD  1 
ATOM 103 O OE1 . GLN A 1 13 ? 0.514   7.680   11.444  1.00 22.53 ? 13 GLN A OE1 1 
ATOM 104 N NE2 . GLN A 1 13 ? 1.694   6.364   12.827  1.00 22.53 ? 13 GLN A NE2 1 
ATOM 105 N N   . ALA A 1 14 ? -0.028  6.075   6.088   1.00 21.56 ? 14 ALA A N   1 
ATOM 106 C CA  . ALA A 1 14 ? -1.146  6.076   5.152   1.00 21.56 ? 14 ALA A CA  1 
ATOM 107 C C   . ALA A 1 14 ? -1.283  4.719   4.471   1.00 21.56 ? 14 ALA A C   1 
ATOM 108 O O   . ALA A 1 14 ? -2.394  4.204   4.296   1.00 21.56 ? 14 ALA A O   1 
ATOM 109 C CB  . ALA A 1 14 ? -0.964  7.189   4.123   1.00 21.56 ? 14 ALA A CB  1 
ATOM 110 N N   . TYR A 1 15 ? -0.156  4.118   4.084   1.00 21.16 ? 15 TYR A N   1 
ATOM 111 C CA  . TYR A 1 15 ? -0.214  2.765   3.532   1.00 21.16 ? 15 TYR A CA  1 
ATOM 112 C C   . TYR A 1 15 ? -0.728  1.773   4.571   1.00 21.16 ? 15 TYR A C   1 
ATOM 113 O O   . TYR A 1 15 ? -1.452  0.824   4.240   1.00 21.16 ? 15 TYR A O   1 
ATOM 114 C CB  . TYR A 1 15 ? 1.160   2.339   3.016   1.00 21.16 ? 15 TYR A CB  1 
ATOM 115 C CG  . TYR A 1 15 ? 1.138   1.059   2.210   1.00 21.16 ? 15 TYR A CG  1 
ATOM 116 C CD1 . TYR A 1 15 ? 0.319   0.927   1.101   1.00 21.16 ? 15 TYR A CD1 1 
ATOM 117 C CD2 . TYR A 1 15 ? 1.940   -0.017  2.559   1.00 21.16 ? 15 TYR A CD2 1 
ATOM 118 C CE1 . TYR A 1 15 ? 0.300   -0.240  0.364   1.00 21.16 ? 15 TYR A CE1 1 
ATOM 119 C CE2 . TYR A 1 15 ? 1.926   -1.186  1.831   1.00 21.16 ? 15 TYR A CE2 1 
ATOM 120 C CZ  . TYR A 1 15 ? 1.108   -1.292  0.734   1.00 21.16 ? 15 TYR A CZ  1 
ATOM 121 O OH  . TYR A 1 15 ? 1.094   -2.461  0.010   1.00 21.16 ? 15 TYR A OH  1 
ATOM 122 N N   . ALA A 1 16 ? -0.364  1.977   5.837   1.00 19.63 ? 16 ALA A N   1 
ATOM 123 C CA  . ALA A 1 16 ? -0.885  1.126   6.903   1.00 19.63 ? 16 ALA A CA  1 
ATOM 124 C C   . ALA A 1 16 ? -2.398  1.261   7.014   1.00 19.63 ? 16 ALA A C   1 
ATOM 125 O O   . ALA A 1 16 ? -3.109  0.275   7.238   1.00 19.63 ? 16 ALA A O   1 
ATOM 126 C CB  . ALA A 1 16 ? -0.213  1.471   8.231   1.00 19.63 ? 16 ALA A CB  1 
ATOM 127 N N   . ASN A 1 17 ? -2.904  2.486   6.871   1.00 18.96 ? 17 ASN A N   1 
ATOM 128 C CA  . ASN A 1 17 ? -4.348  2.692   6.843   1.00 18.96 ? 17 ASN A CA  1 
ATOM 129 C C   . ASN A 1 17 ? -4.980  1.980   5.653   1.00 18.96 ? 17 ASN A C   1 
ATOM 130 O O   . ASN A 1 17 ? -6.074  1.418   5.768   1.00 18.96 ? 17 ASN A O   1 
ATOM 131 C CB  . ASN A 1 17 ? -4.672  4.183   6.809   1.00 18.96 ? 17 ASN A CB  1 
ATOM 132 C CG  . ASN A 1 17 ? -4.538  4.835   8.166   1.00 18.96 ? 17 ASN A CG  1 
ATOM 133 O OD1 . ASN A 1 17 ? -4.282  4.164   9.165   1.00 18.96 ? 17 ASN A OD1 1 
ATOM 134 N ND2 . ASN A 1 17 ? -4.713  6.151   8.212   1.00 18.96 ? 17 ASN A ND2 1 
ATOM 135 N N   . ILE A 1 18 ? -4.302  1.992   4.501   1.00 19.77 ? 18 ILE A N   1 
ATOM 136 C CA  . ILE A 1 18 ? -4.787  1.251   3.334   1.00 19.77 ? 18 ILE A CA  1 
ATOM 137 C C   . ILE A 1 18 ? -4.965  -0.220  3.689   1.00 19.77 ? 18 ILE A C   1 
ATOM 138 O O   . ILE A 1 18 ? -6.020  -0.826  3.449   1.00 19.77 ? 18 ILE A O   1 
ATOM 139 C CB  . ILE A 1 18 ? -3.815  1.402   2.152   1.00 19.77 ? 18 ILE A CB  1 
ATOM 140 C CG1 . ILE A 1 18 ? -3.649  2.863   1.749   1.00 19.77 ? 18 ILE A CG1 1 
ATOM 141 C CG2 . ILE A 1 18 ? -4.286  0.573   0.968   1.00 19.77 ? 18 ILE A CG2 1 
ATOM 142 C CD1 . ILE A 1 18 ? -4.840  3.425   1.066   1.00 19.77 ? 18 ILE A CD1 1 
ATOM 143 N N   . LEU A 1 19 ? -3.922  -0.809  4.274   1.00 19.08 ? 19 LEU A N   1 
ATOM 144 C CA  . LEU A 1 19 ? -3.951  -2.240  4.559   1.00 19.08 ? 19 LEU A CA  1 
ATOM 145 C C   . LEU A 1 19 ? -4.997  -2.570  5.619   1.00 19.08 ? 19 LEU A C   1 
ATOM 146 O O   . LEU A 1 19 ? -5.695  -3.584  5.513   1.00 19.08 ? 19 LEU A O   1 
ATOM 147 C CB  . LEU A 1 19 ? -2.569  -2.727  4.992   1.00 19.08 ? 19 LEU A CB  1 
ATOM 148 C CG  . LEU A 1 19 ? -1.577  -3.143  3.895   1.00 19.08 ? 19 LEU A CG  1 
ATOM 149 C CD1 . LEU A 1 19 ? -2.079  -4.311  3.075   1.00 19.08 ? 19 LEU A CD1 1 
ATOM 150 C CD2 . LEU A 1 19 ? -1.253  -1.991  2.985   1.00 19.08 ? 19 LEU A CD2 1 
ATOM 151 N N   . SER A 1 20 ? -5.130  -1.721  6.642   1.00 19.06 ? 20 SER A N   1 
ATOM 152 C CA  . SER A 1 20 ? -6.128  -1.965  7.679   1.00 19.06 ? 20 SER A CA  1 
ATOM 153 C C   . SER A 1 20 ? -7.544  -1.842  7.129   1.00 19.06 ? 20 SER A C   1 
ATOM 154 O O   . SER A 1 20 ? -8.434  -2.621  7.498   1.00 19.06 ? 20 SER A O   1 
ATOM 155 C CB  . SER A 1 20 ? -5.921  -1.000  8.845   1.00 19.06 ? 20 SER A CB  1 
ATOM 156 O OG  . SER A 1 20 ? -6.974  -1.109  9.786   1.00 19.06 ? 20 SER A OG  1 
ATOM 157 N N   . ALA A 1 21 ? -7.777  -0.864  6.251   1.00 19.52 ? 21 ALA A N   1 
ATOM 158 C CA  . ALA A 1 21 ? -9.087  -0.735  5.626   1.00 19.52 ? 21 ALA A CA  1 
ATOM 159 C C   . ALA A 1 21 ? -9.413  -1.965  4.792   1.00 19.52 ? 21 ALA A C   1 
ATOM 160 O O   . ALA A 1 21 ? -10.536 -2.476  4.843   1.00 19.52 ? 21 ALA A O   1 
ATOM 161 C CB  . ALA A 1 21 ? -9.142  0.528   4.770   1.00 19.52 ? 21 ALA A CB  1 
ATOM 162 N N   . HIS A 1 22 ? -8.438  -2.465  4.030   1.00 19.20 ? 22 HIS A N   1 
ATOM 163 C CA  . HIS A 1 22 ? -8.658  -3.696  3.275   1.00 19.20 ? 22 HIS A CA  1 
ATOM 164 C C   . HIS A 1 22 ? -8.962  -4.863  4.211   1.00 19.20 ? 22 HIS A C   1 
ATOM 165 O O   . HIS A 1 22 ? -9.838  -5.694  3.928   1.00 19.20 ? 22 HIS A O   1 
ATOM 166 C CB  . HIS A 1 22 ? -7.436  -4.002  2.411   1.00 19.20 ? 22 HIS A CB  1 
ATOM 167 C CG  . HIS A 1 22 ? -7.738  -4.846  1.214   1.00 19.20 ? 22 HIS A CG  1 
ATOM 168 N ND1 . HIS A 1 22 ? -8.314  -4.335  0.071   1.00 19.20 ? 22 HIS A ND1 1 
ATOM 169 C CD2 . HIS A 1 22 ? -7.547  -6.165  0.981   1.00 19.20 ? 22 HIS A CD2 1 
ATOM 170 C CE1 . HIS A 1 22 ? -8.463  -5.303  -0.815  1.00 19.20 ? 22 HIS A CE1 1 
ATOM 171 N NE2 . HIS A 1 22 ? -8.005  -6.424  -0.288  1.00 19.20 ? 22 HIS A NE2 1 
ATOM 172 N N   . ALA A 1 23 ? -8.253  -4.931  5.338   1.00 18.82 ? 23 ALA A N   1 
ATOM 173 C CA  . ALA A 1 23 ? -8.490  -5.999  6.300   1.00 18.82 ? 23 ALA A CA  1 
ATOM 174 C C   . ALA A 1 23 ? -9.911  -5.965  6.831   1.00 18.82 ? 23 ALA A C   1 
ATOM 175 O O   . ALA A 1 23 ? -10.551 -7.009  6.974   1.00 18.82 ? 23 ALA A O   1 
ATOM 176 C CB  . ALA A 1 23 ? -7.516  -5.888  7.463   1.00 18.82 ? 23 ALA A CB  1 
ATOM 177 N N   . GLU A 1 24 ? -10.414 -4.778  7.157   1.00 19.60 ? 24 GLU A N   1 
ATOM 178 C CA  . GLU A 1 24 ? -11.755 -4.711  7.727   1.00 19.60 ? 24 GLU A CA  1 
ATOM 179 C C   . GLU A 1 24 ? -12.826 -4.792  6.640   1.00 19.60 ? 24 GLU A C   1 
ATOM 180 O O   . GLU A 1 24 ? -13.992 -5.089  6.925   1.00 19.60 ? 24 GLU A O   1 
ATOM 181 C CB  . GLU A 1 24 ? -11.884 -3.473  8.621   1.00 19.60 ? 24 GLU A CB  1 
ATOM 182 C CG  . GLU A 1 24 ? -11.688 -2.117  7.981   1.00 19.60 ? 24 GLU A CG  1 
ATOM 183 C CD  . GLU A 1 24 ? -12.940 -1.562  7.364   1.00 19.60 ? 24 GLU A CD  1 
ATOM 184 O OE1 . GLU A 1 24 ? -14.042 -2.022  7.728   1.00 19.60 ? 24 GLU A OE1 1 
ATOM 185 O OE2 . GLU A 1 24 ? -12.817 -0.625  6.549   1.00 19.60 ? 24 GLU A OE2 1 
ATOM 186 N N   . ILE A 1 25 ? -12.435 -4.604  5.374   1.00 18.82 ? 25 ILE A N   1 
ATOM 187 C CA  . ILE A 1 25 ? -13.288 -5.048  4.268   1.00 18.82 ? 25 ILE A CA  1 
ATOM 188 C C   . ILE A 1 25 ? -13.455 -6.559  4.319   1.00 18.82 ? 25 ILE A C   1 
ATOM 189 O O   . ILE A 1 25 ? -14.570 -7.088  4.258   1.00 18.82 ? 25 ILE A O   1 
ATOM 190 C CB  . ILE A 1 25 ? -12.710 -4.623  2.908   1.00 18.82 ? 25 ILE A CB  1 
ATOM 191 C CG1 . ILE A 1 25 ? -12.653 -3.110  2.769   1.00 18.82 ? 25 ILE A CG1 1 
ATOM 192 C CG2 . ILE A 1 25 ? -13.522 -5.229  1.772   1.00 18.82 ? 25 ILE A CG2 1 
ATOM 193 C CD1 . ILE A 1 25 ? -11.876 -2.662  1.589   1.00 18.82 ? 25 ILE A CD1 1 
ATOM 194 N N   . LEU A 1 26 ? -12.331 -7.275  4.417   1.00 18.86 ? 26 LEU A N   1 
ATOM 195 C CA  . LEU A 1 26 ? -12.397 -8.734  4.492   1.00 18.86 ? 26 LEU A CA  1 
ATOM 196 C C   . LEU A 1 26 ? -13.172 -9.189  5.723   1.00 18.86 ? 26 LEU A C   1 
ATOM 197 O O   . LEU A 1 26 ? -13.947 -10.150 5.660   1.00 18.86 ? 26 LEU A O   1 
ATOM 198 C CB  . LEU A 1 26 ? -10.993 -9.341  4.486   1.00 18.86 ? 26 LEU A CB  1 
ATOM 199 C CG  . LEU A 1 26 ? -10.285 -9.599  3.150   1.00 18.86 ? 26 LEU A CG  1 
ATOM 200 C CD1 . LEU A 1 26 ? -11.053 -10.640 2.351   1.00 18.86 ? 26 LEU A CD1 1 
ATOM 201 C CD2 . LEU A 1 26 ? -10.088 -8.342  2.326   1.00 18.86 ? 26 LEU A CD2 1 
ATOM 202 N N   . ARG A 1 27 ? -12.969 -8.512  6.852   1.00 19.20 ? 27 ARG A N   1 
ATOM 203 C CA  . ARG A 1 27 ? -13.666 -8.860  8.084   1.00 19.20 ? 27 ARG A CA  1 
ATOM 204 C C   . ARG A 1 27 ? -15.163 -8.601  8.002   1.00 19.20 ? 27 ARG A C   1 
ATOM 205 O O   . ARG A 1 27 ? -15.944 -9.392  8.541   1.00 19.20 ? 27 ARG A O   1 
ATOM 206 C CB  . ARG A 1 27 ? -13.072 -8.088  9.263   1.00 19.20 ? 27 ARG A CB  1 
ATOM 207 C CG  . ARG A 1 27 ? -13.532 -8.588  10.620  1.00 19.20 ? 27 ARG A CG  1 
ATOM 208 C CD  . ARG A 1 27 ? -12.453 -8.410  11.676  1.00 19.20 ? 27 ARG A CD  1 
ATOM 209 N NE  . ARG A 1 27 ? -11.631 -7.232  11.429  1.00 19.20 ? 27 ARG A NE  1 
ATOM 210 C CZ  . ARG A 1 27 ? -11.969 -5.997  11.775  1.00 19.20 ? 27 ARG A CZ  1 
ATOM 211 N NH1 . ARG A 1 27 ? -13.114 -5.739  12.383  1.00 19.20 ? 27 ARG A NH1 1 
ATOM 212 N NH2 . ARG A 1 27 ? -11.136 -4.996  11.503  1.00 19.20 ? 27 ARG A NH2 1 
ATOM 213 N N   . ALA A 1 28 ? -15.584 -7.517  7.346   1.00 18.76 ? 28 ALA A N   1 
ATOM 214 C CA  . ALA A 1 28 ? -17.006 -7.218  7.227   1.00 18.76 ? 28 ALA A CA  1 
ATOM 215 C C   . ALA A 1 28 ? -17.767 -8.252  6.410   1.00 18.76 ? 28 ALA A C   1 
ATOM 216 O O   . ALA A 1 28 ? -18.996 -8.326  6.514   1.00 18.76 ? 28 ALA A O   1 
ATOM 217 C CB  . ALA A 1 28 ? -17.205 -5.834  6.606   1.00 18.76 ? 28 ALA A CB  1 
ATOM 218 N N   . GLU A 1 29 ? -17.077 -9.047  5.599   1.00 17.88 ? 29 GLU A N   1 
ATOM 219 C CA  . GLU A 1 29 ? -17.733 -10.082 4.810   1.00 17.88 ? 29 GLU A CA  1 
ATOM 220 C C   . GLU A 1 29 ? -18.051 -11.300 5.667   1.00 17.88 ? 29 GLU A C   1 
ATOM 221 O O   . GLU A 1 29 ? -19.018 -12.016 5.410   1.00 17.88 ? 29 GLU A O   1 
ATOM 222 C CB  . GLU A 1 29 ? -16.865 -10.491 3.621   1.00 17.88 ? 29 GLU A CB  1 
ATOM 223 C CG  . GLU A 1 29 ? -16.710 -9.413  2.564   1.00 17.88 ? 29 GLU A CG  1 
ATOM 224 C CD  . GLU A 1 29 ? -16.383 -9.982  1.199   1.00 17.88 ? 29 GLU A CD  1 
ATOM 225 O OE1 . GLU A 1 29 ? -16.132 -11.201 1.109   1.00 17.88 ? 29 GLU A OE1 1 
ATOM 226 O OE2 . GLU A 1 29 ? -16.374 -9.211  0.218   1.00 17.88 ? 29 GLU A OE2 1 
ATOM 227 N N   . GLN B 1 1  ? 18.334  9.519   0.451   1.00 33.66 ? 1  GLN a N   1 
ATOM 228 C CA  . GLN B 1 1  ? 16.929  9.591   0.830   1.00 33.66 ? 1  GLN a CA  1 
ATOM 229 C C   . GLN B 1 1  ? 16.022  9.208   -0.333  1.00 33.66 ? 1  GLN a C   1 
ATOM 230 O O   . GLN B 1 1  ? 14.890  8.774   -0.127  1.00 33.66 ? 1  GLN a O   1 
ATOM 231 C CB  . GLN B 1 1  ? 16.578  10.993  1.328   1.00 33.66 ? 1  GLN a CB  1 
ATOM 232 C CG  . GLN B 1 1  ? 15.452  11.020  2.345   1.00 33.66 ? 1  GLN a CG  1 
ATOM 233 C CD  . GLN B 1 1  ? 14.103  11.278  1.707   1.00 33.66 ? 1  GLN a CD  1 
ATOM 234 O OE1 . GLN B 1 1  ? 14.020  11.699  0.554   1.00 33.66 ? 1  GLN a OE1 1 
ATOM 235 N NE2 . GLN B 1 1  ? 13.037  11.020  2.454   1.00 33.66 ? 1  GLN a NE2 1 
ATOM 236 N N   . ALA B 1 2  ? 16.526  9.374   -1.558  1.00 37.58 ? 2  ALA a N   1 
ATOM 237 C CA  . ALA B 1 2  ? 15.738  9.023   -2.734  1.00 37.58 ? 2  ALA a CA  1 
ATOM 238 C C   . ALA B 1 2  ? 15.466  7.526   -2.788  1.00 37.58 ? 2  ALA a C   1 
ATOM 239 O O   . ALA B 1 2  ? 14.469  7.087   -3.377  1.00 37.58 ? 2  ALA a O   1 
ATOM 240 C CB  . ALA B 1 2  ? 16.454  9.486   -4.003  1.00 37.58 ? 2  ALA a CB  1 
ATOM 241 N N   . ARG B 1 3  ? 16.343  6.725   -2.179  1.00 37.64 ? 3  ARG a N   1 
ATOM 242 C CA  . ARG B 1 3  ? 16.122  5.285   -2.139  1.00 37.64 ? 3  ARG a CA  1 
ATOM 243 C C   . ARG B 1 3  ? 14.853  4.937   -1.376  1.00 37.64 ? 3  ARG a C   1 
ATOM 244 O O   . ARG B 1 3  ? 14.164  3.973   -1.726  1.00 37.64 ? 3  ARG a O   1 
ATOM 245 C CB  . ARG B 1 3  ? 17.331  4.586   -1.520  1.00 37.64 ? 3  ARG a CB  1 
ATOM 246 C CG  . ARG B 1 3  ? 18.324  4.053   -2.542  1.00 37.64 ? 3  ARG a CG  1 
ATOM 247 C CD  . ARG B 1 3  ? 19.604  3.568   -1.873  1.00 37.64 ? 3  ARG a CD  1 
ATOM 248 N NE  . ARG B 1 3  ? 20.412  4.648   -1.313  1.00 37.64 ? 3  ARG a NE  1 
ATOM 249 C CZ  . ARG B 1 3  ? 20.922  5.662   -2.003  1.00 37.64 ? 3  ARG a CZ  1 
ATOM 250 N NH1 . ARG B 1 3  ? 20.778  5.752   -3.316  1.00 37.64 ? 3  ARG a NH1 1 
ATOM 251 N NH2 . ARG B 1 3  ? 21.608  6.601   -1.360  1.00 37.64 ? 3  ARG a NH2 1 
ATOM 252 N N   . ILE B 1 4  ? 14.517  5.715   -0.342  1.00 36.81 ? 4  ILE a N   1 
ATOM 253 C CA  . ILE B 1 4  ? 13.268  5.491   0.384   1.00 36.81 ? 4  ILE a CA  1 
ATOM 254 C C   . ILE B 1 4  ? 12.073  5.717   -0.534  1.00 36.81 ? 4  ILE a C   1 
ATOM 255 O O   . ILE B 1 4  ? 11.105  4.950   -0.527  1.00 36.81 ? 4  ILE a O   1 
ATOM 256 C CB  . ILE B 1 4  ? 13.201  6.390   1.631   1.00 36.81 ? 4  ILE a CB  1 
ATOM 257 C CG1 . ILE B 1 4  ? 14.349  6.064   2.585   1.00 36.81 ? 4  ILE a CG1 1 
ATOM 258 C CG2 . ILE B 1 4  ? 11.868  6.228   2.337   1.00 36.81 ? 4  ILE a CG2 1 
ATOM 259 C CD1 . ILE B 1 4  ? 14.484  7.043   3.726   1.00 36.81 ? 4  ILE a CD1 1 
ATOM 260 N N   . LEU B 1 5  ? 12.124  6.782   -1.338  1.00 36.47 ? 5  LEU a N   1 
ATOM 261 C CA  . LEU B 1 5  ? 11.034  7.052   -2.271  1.00 36.47 ? 5  LEU a CA  1 
ATOM 262 C C   . LEU B 1 5  ? 10.920  5.956   -3.323  1.00 36.47 ? 5  LEU a C   1 
ATOM 263 O O   . LEU B 1 5  ? 9.810   5.537   -3.678  1.00 36.47 ? 5  LEU a O   1 
ATOM 264 C CB  . LEU B 1 5  ? 11.231  8.415   -2.929  1.00 36.47 ? 5  LEU a CB  1 
ATOM 265 C CG  . LEU B 1 5  ? 11.167  9.611   -1.979  1.00 36.47 ? 5  LEU a CG  1 
ATOM 266 C CD1 . LEU B 1 5  ? 11.464  10.903  -2.720  1.00 36.47 ? 5  LEU a CD1 1 
ATOM 267 C CD2 . LEU B 1 5  ? 9.811   9.677   -1.299  1.00 36.47 ? 5  LEU a CD2 1 
ATOM 268 N N   . GLU B 1 6  ? 12.056  5.478   -3.839  1.00 37.07 ? 6  GLU a N   1 
ATOM 269 C CA  . GLU B 1 6  ? 12.015  4.383   -4.805  1.00 37.07 ? 6  GLU a CA  1 
ATOM 270 C C   . GLU B 1 6  ? 11.441  3.118   -4.177  1.00 37.07 ? 6  GLU a C   1 
ATOM 271 O O   . GLU B 1 6  ? 10.668  2.393   -4.815  1.00 37.07 ? 6  GLU a O   1 
ATOM 272 C CB  . GLU B 1 6  ? 13.412  4.123   -5.367  1.00 37.07 ? 6  GLU a CB  1 
ATOM 273 C CG  . GLU B 1 6  ? 14.050  5.337   -6.020  1.00 37.07 ? 6  GLU a CG  1 
ATOM 274 C CD  . GLU B 1 6  ? 15.565  5.268   -6.029  1.00 37.07 ? 6  GLU a CD  1 
ATOM 275 O OE1 . GLU B 1 6  ? 16.120  4.287   -5.489  1.00 37.07 ? 6  GLU a OE1 1 
ATOM 276 O OE2 . GLU B 1 6  ? 16.201  6.193   -6.575  1.00 37.07 ? 6  GLU a OE2 1 
ATOM 277 N N   . ALA B 1 7  ? 11.806  2.838   -2.925  1.00 37.04 ? 7  ALA a N   1 
ATOM 278 C CA  . ALA B 1 7  ? 11.261  1.673   -2.235  1.00 37.04 ? 7  ALA a CA  1 
ATOM 279 C C   . ALA B 1 7  ? 9.759   1.809   -2.021  1.00 37.04 ? 7  ALA a C   1 
ATOM 280 O O   . ALA B 1 7  ? 9.017   0.830   -2.150  1.00 37.04 ? 7  ALA a O   1 
ATOM 281 C CB  . ALA B 1 7  ? 11.980  1.473   -0.904  1.00 37.04 ? 7  ALA a CB  1 
ATOM 282 N N   . ASP B 1 8  ? 9.294   3.014   -1.685  1.00 35.72 ? 8  ASP a N   1 
ATOM 283 C CA  . ASP B 1 8  ? 7.858   3.237   -1.541  1.00 35.72 ? 8  ASP a CA  1 
ATOM 284 C C   . ASP B 1 8  ? 7.140   3.028   -2.868  1.00 35.72 ? 8  ASP a C   1 
ATOM 285 O O   . ASP B 1 8  ? 6.048   2.449   -2.914  1.00 35.72 ? 8  ASP a O   1 
ATOM 286 C CB  . ASP B 1 8  ? 7.594   4.641   -0.999  1.00 35.72 ? 8  ASP a CB  1 
ATOM 287 C CG  . ASP B 1 8  ? 8.205   4.858   0.370   1.00 35.72 ? 8  ASP a CG  1 
ATOM 288 O OD1 . ASP B 1 8  ? 8.487   3.857   1.058   1.00 35.72 ? 8  ASP a OD1 1 
ATOM 289 O OD2 . ASP B 1 8  ? 8.400   6.029   0.757   1.00 35.72 ? 8  ASP a OD2 1 
ATOM 290 N N   . ALA B 1 9  ? 7.738   3.503   -3.962  1.00 36.46 ? 9  ALA a N   1 
ATOM 291 C CA  . ALA B 1 9  ? 7.146   3.281   -5.277  1.00 36.46 ? 9  ALA a CA  1 
ATOM 292 C C   . ALA B 1 9  ? 7.063   1.795   -5.597  1.00 36.46 ? 9  ALA a C   1 
ATOM 293 O O   . ALA B 1 9  ? 6.055   1.322   -6.134  1.00 36.46 ? 9  ALA a O   1 
ATOM 294 C CB  . ALA B 1 9  ? 7.950   4.019   -6.347  1.00 36.46 ? 9  ALA a CB  1 
ATOM 295 N N   . ARG B 1 10 ? 8.115   1.042   -5.272  1.00 37.21 ? 10 ARG a N   1 
ATOM 296 C CA  . ARG B 1 10 ? 8.087   -0.400  -5.507  1.00 37.21 ? 10 ARG a CA  1 
ATOM 297 C C   . ARG B 1 10 ? 7.032   -1.084  -4.645  1.00 37.21 ? 10 ARG a C   1 
ATOM 298 O O   . ARG B 1 10 ? 6.359   -2.015  -5.101  1.00 37.21 ? 10 ARG a O   1 
ATOM 299 C CB  . ARG B 1 10 ? 9.470   -0.999  -5.253  1.00 37.21 ? 10 ARG a CB  1 
ATOM 300 C CG  . ARG B 1 10 ? 10.523  -0.521  -6.236  1.00 37.21 ? 10 ARG a CG  1 
ATOM 301 C CD  . ARG B 1 10 ? 11.908  -1.014  -5.863  1.00 37.21 ? 10 ARG a CD  1 
ATOM 302 N NE  . ARG B 1 10 ? 12.934  -0.431  -6.719  1.00 37.21 ? 10 ARG a NE  1 
ATOM 303 C CZ  . ARG B 1 10 ? 14.228  -0.707  -6.634  1.00 37.21 ? 10 ARG a CZ  1 
ATOM 304 N NH1 . ARG B 1 10 ? 14.695  -1.562  -5.738  1.00 37.21 ? 10 ARG a NH1 1 
ATOM 305 N NH2 . ARG B 1 10 ? 15.075  -0.111  -7.468  1.00 37.21 ? 10 ARG a NH2 1 
ATOM 306 N N   . ILE B 1 11 ? 6.872   -0.635  -3.398  1.00 34.77 ? 11 ILE a N   1 
ATOM 307 C CA  . ILE B 1 11 ? 5.846   -1.201  -2.523  1.00 34.77 ? 11 ILE a CA  1 
ATOM 308 C C   . ILE B 1 11 ? 4.459   -0.954  -3.103  1.00 34.77 ? 11 ILE a C   1 
ATOM 309 O O   . ILE B 1 11 ? 3.603   -1.847  -3.121  1.00 34.77 ? 11 ILE a O   1 
ATOM 310 C CB  . ILE B 1 11 ? 5.975   -0.622  -1.102  1.00 34.77 ? 11 ILE a CB  1 
ATOM 311 C CG1 . ILE B 1 11 ? 7.060   -1.357  -0.317  1.00 34.77 ? 11 ILE a CG1 1 
ATOM 312 C CG2 . ILE B 1 11 ? 4.652   -0.696  -0.366  1.00 34.77 ? 11 ILE a CG2 1 
ATOM 313 C CD1 . ILE B 1 11 ? 7.351   -0.741  1.032   1.00 34.77 ? 11 ILE a CD1 1 
ATOM 314 N N   . LEU B 1 12 ? 4.216   0.266   -3.585  1.00 36.33 ? 12 LEU a N   1 
ATOM 315 C CA  . LEU B 1 12 ? 2.915   0.574   -4.173  1.00 36.33 ? 12 LEU a CA  1 
ATOM 316 C C   . LEU B 1 12 ? 2.682   -0.218  -5.455  1.00 36.33 ? 12 LEU a C   1 
ATOM 317 O O   . LEU B 1 12 ? 1.555   -0.646  -5.731  1.00 36.33 ? 12 LEU a O   1 
ATOM 318 C CB  . LEU B 1 12 ? 2.795   2.074   -4.431  1.00 36.33 ? 12 LEU a CB  1 
ATOM 319 C CG  . LEU B 1 12 ? 2.881   2.961   -3.190  1.00 36.33 ? 12 LEU a CG  1 
ATOM 320 C CD1 . LEU B 1 12 ? 2.998   4.423   -3.582  1.00 36.33 ? 12 LEU a CD1 1 
ATOM 321 C CD2 . LEU B 1 12 ? 1.677   2.733   -2.296  1.00 36.33 ? 12 LEU a CD2 1 
ATOM 322 N N   . GLN B 1 13 ? 3.732   -0.422  -6.254  1.00 38.77 ? 13 GLN a N   1 
ATOM 323 C CA  . GLN B 1 13 ? 3.595   -1.261  -7.441  1.00 38.77 ? 13 GLN a CA  1 
ATOM 324 C C   . GLN B 1 13 ? 3.253   -2.696  -7.063  1.00 38.77 ? 13 GLN a C   1 
ATOM 325 O O   . GLN B 1 13 ? 2.440   -3.347  -7.728  1.00 38.77 ? 13 GLN a O   1 
ATOM 326 C CB  . GLN B 1 13 ? 4.877   -1.215  -8.272  1.00 38.77 ? 13 GLN a CB  1 
ATOM 327 C CG  . GLN B 1 13 ? 5.016   0.031   -9.128  1.00 38.77 ? 13 GLN a CG  1 
ATOM 328 C CD  . GLN B 1 13 ? 6.428   0.230   -9.640  1.00 38.77 ? 13 GLN a CD  1 
ATOM 329 O OE1 . GLN B 1 13 ? 7.384   -0.308  -9.083  1.00 38.77 ? 13 GLN a OE1 1 
ATOM 330 N NE2 . GLN B 1 13 ? 6.566   1.005   -10.708 1.00 38.77 ? 13 GLN a NE2 1 
ATOM 331 N N   . ALA B 1 14 ? 3.870   -3.208  -5.996  1.00 37.81 ? 14 ALA a N   1 
ATOM 332 C CA  . ALA B 1 14 ? 3.535   -4.545  -5.517  1.00 37.81 ? 14 ALA a CA  1 
ATOM 333 C C   . ALA B 1 14 ? 2.086   -4.615  -5.052  1.00 37.81 ? 14 ALA a C   1 
ATOM 334 O O   . ALA B 1 14 ? 1.394   -5.611  -5.293  1.00 37.81 ? 14 ALA a O   1 
ATOM 335 C CB  . ALA B 1 14 ? 4.483   -4.951  -4.391  1.00 37.81 ? 14 ALA a CB  1 
ATOM 336 N N   . TYR B 1 15 ? 1.613   -3.568  -4.374  1.00 33.58 ? 15 TYR a N   1 
ATOM 337 C CA  . TYR B 1 15 ? 0.212   -3.527  -3.960  1.00 33.58 ? 15 TYR a CA  1 
ATOM 338 C C   . TYR B 1 15 ? -0.717  -3.519  -5.167  1.00 33.58 ? 15 TYR a C   1 
ATOM 339 O O   . TYR B 1 15 ? -1.766  -4.177  -5.163  1.00 33.58 ? 15 TYR a O   1 
ATOM 340 C CB  . TYR B 1 15 ? -0.042  -2.303  -3.084  1.00 33.58 ? 15 TYR a CB  1 
ATOM 341 C CG  . TYR B 1 15 ? -1.448  -2.231  -2.539  1.00 33.58 ? 15 TYR a CG  1 
ATOM 342 C CD1 . TYR B 1 15 ? -2.016  -3.312  -1.882  1.00 33.58 ? 15 TYR a CD1 1 
ATOM 343 C CD2 . TYR B 1 15 ? -2.212  -1.082  -2.688  1.00 33.58 ? 15 TYR a CD2 1 
ATOM 344 C CE1 . TYR B 1 15 ? -3.299  -3.250  -1.384  1.00 33.58 ? 15 TYR a CE1 1 
ATOM 345 C CE2 . TYR B 1 15 ? -3.498  -1.012  -2.193  1.00 33.58 ? 15 TYR a CE2 1 
ATOM 346 C CZ  . TYR B 1 15 ? -4.036  -2.098  -1.542  1.00 33.58 ? 15 TYR a CZ  1 
ATOM 347 O OH  . TYR B 1 15 ? -5.317  -2.032  -1.048  1.00 33.58 ? 15 TYR a OH  1 
ATOM 348 N N   . ALA B 1 16 ? -0.353  -2.770  -6.209  1.00 37.76 ? 16 ALA a N   1 
ATOM 349 C CA  . ALA B 1 16 ? -1.148  -2.763  -7.432  1.00 37.76 ? 16 ALA a CA  1 
ATOM 350 C C   . ALA B 1 16 ? -1.171  -4.141  -8.078  1.00 37.76 ? 16 ALA a C   1 
ATOM 351 O O   . ALA B 1 16 ? -2.205  -4.572  -8.600  1.00 37.76 ? 16 ALA a O   1 
ATOM 352 C CB  . ALA B 1 16 ? -0.606  -1.719  -8.407  1.00 37.76 ? 16 ALA a CB  1 
ATOM 353 N N   . ASN B 1 17 ? -0.035  -4.841  -8.063  1.00 40.90 ? 17 ASN a N   1 
ATOM 354 C CA  . ASN B 1 17 ? -0.002  -6.206  -8.579  1.00 40.90 ? 17 ASN a CA  1 
ATOM 355 C C   . ASN B 1 17 ? -0.906  -7.125  -7.765  1.00 40.90 ? 17 ASN a C   1 
ATOM 356 O O   . ASN B 1 17 ? -1.601  -7.978  -8.329  1.00 40.90 ? 17 ASN a O   1 
ATOM 357 C CB  . ASN B 1 17 ? 1.432   -6.734  -8.590  1.00 40.90 ? 17 ASN a CB  1 
ATOM 358 C CG  . ASN B 1 17 ? 2.341   -5.931  -9.499  1.00 40.90 ? 17 ASN a CG  1 
ATOM 359 O OD1 . ASN B 1 17 ? 1.955   -5.552  -10.605 1.00 40.90 ? 17 ASN a OD1 1 
ATOM 360 N ND2 . ASN B 1 17 ? 3.558   -5.671  -9.039  1.00 40.90 ? 17 ASN a ND2 1 
ATOM 361 N N   . ILE B 1 18 ? -0.904  -6.966  -6.439  1.00 41.14 ? 18 ILE a N   1 
ATOM 362 C CA  . ILE B 1 18 ? -1.801  -7.744  -5.586  1.00 41.14 ? 18 ILE a CA  1 
ATOM 363 C C   . ILE B 1 18 ? -3.253  -7.493  -5.969  1.00 41.14 ? 18 ILE a C   1 
ATOM 364 O O   . ILE B 1 18 ? -4.049  -8.431  -6.113  1.00 41.14 ? 18 ILE a O   1 
ATOM 365 C CB  . ILE B 1 18 ? -1.553  -7.408  -4.103  1.00 41.14 ? 18 ILE a CB  1 
ATOM 366 C CG1 . ILE B 1 18 ? -0.206  -7.955  -3.636  1.00 41.14 ? 18 ILE a CG1 1 
ATOM 367 C CG2 . ILE B 1 18 ? -2.675  -7.953  -3.236  1.00 41.14 ? 18 ILE a CG2 1 
ATOM 368 C CD1 . ILE B 1 18 ? -0.182  -9.454  -3.510  1.00 41.14 ? 18 ILE a CD1 1 
ATOM 369 N N   . LEU B 1 19 ? -3.620  -6.221  -6.137  1.00 40.76 ? 19 LEU a N   1 
ATOM 370 C CA  . LEU B 1 19 ? -4.998  -5.888  -6.478  1.00 40.76 ? 19 LEU a CA  1 
ATOM 371 C C   . LEU B 1 19 ? -5.380  -6.436  -7.848  1.00 40.76 ? 19 LEU a C   1 
ATOM 372 O O   . LEU B 1 19 ? -6.495  -6.936  -8.035  1.00 40.76 ? 19 LEU a O   1 
ATOM 373 C CB  . LEU B 1 19 ? -5.205  -4.376  -6.427  1.00 40.76 ? 19 LEU a CB  1 
ATOM 374 C CG  . LEU B 1 19 ? -5.788  -3.829  -5.125  1.00 40.76 ? 19 LEU a CG  1 
ATOM 375 C CD1 . LEU B 1 19 ? -6.223  -2.385  -5.304  1.00 40.76 ? 19 LEU a CD1 1 
ATOM 376 C CD2 . LEU B 1 19 ? -6.953  -4.687  -4.663  1.00 40.76 ? 19 LEU a CD2 1 
ATOM 377 N N   . SER B 1 20 ? -4.472  -6.348  -8.822  1.00 45.94 ? 20 SER a N   1 
ATOM 378 C CA  . SER B 1 20 ? -4.759  -6.881  -10.150 1.00 45.94 ? 20 SER a CA  1 
ATOM 379 C C   . SER B 1 20 ? -4.922  -8.395  -10.113 1.00 45.94 ? 20 SER a C   1 
ATOM 380 O O   . SER B 1 20 ? -5.793  -8.952  -10.793 1.00 45.94 ? 20 SER a O   1 
ATOM 381 C CB  . SER B 1 20 ? -3.652  -6.483  -11.127 1.00 45.94 ? 20 SER a CB  1 
ATOM 382 O OG  . SER B 1 20 ? -2.423  -7.096  -10.782 1.00 45.94 ? 20 SER a OG  1 
ATOM 383 N N   . ALA B 1 21 ? -4.087  -9.080  -9.329  1.00 50.05 ? 21 ALA a N   1 
ATOM 384 C CA  . ALA B 1 21 ? -4.217  -10.527 -9.193  1.00 50.05 ? 21 ALA a CA  1 
ATOM 385 C C   . ALA B 1 21 ? -5.553  -10.896 -8.564  1.00 50.05 ? 21 ALA a C   1 
ATOM 386 O O   . ALA B 1 21 ? -6.224  -11.836 -9.007  1.00 50.05 ? 21 ALA a O   1 
ATOM 387 C CB  . ALA B 1 21 ? -3.058  -11.081 -8.364  1.00 50.05 ? 21 ALA a CB  1 
ATOM 388 N N   . HIS B 1 22 ? -5.961  -10.157 -7.528  1.00 51.22 ? 22 HIS a N   1 
ATOM 389 C CA  . HIS B 1 22 ? -7.256  -10.420 -6.908  1.00 51.22 ? 22 HIS a CA  1 
ATOM 390 C C   . HIS B 1 22 ? -8.396  -10.152 -7.883  1.00 51.22 ? 22 HIS a C   1 
ATOM 391 O O   . HIS B 1 22 ? -9.387  -10.890 -7.909  1.00 51.22 ? 22 HIS a O   1 
ATOM 392 C CB  . HIS B 1 22 ? -7.418  -9.579  -5.643  1.00 51.22 ? 22 HIS a CB  1 
ATOM 393 C CG  . HIS B 1 22 ? -6.939  -10.262 -4.399  1.00 51.22 ? 22 HIS a CG  1 
ATOM 394 N ND1 . HIS B 1 22 ? -7.302  -9.848  -3.136  1.00 51.22 ? 22 HIS a ND1 1 
ATOM 395 C CD2 . HIS B 1 22 ? -6.127  -11.330 -4.226  1.00 51.22 ? 22 HIS a CD2 1 
ATOM 396 C CE1 . HIS B 1 22 ? -6.734  -10.633 -2.237  1.00 51.22 ? 22 HIS a CE1 1 
ATOM 397 N NE2 . HIS B 1 22 ? -6.016  -11.541 -2.873  1.00 51.22 ? 22 HIS a NE2 1 
ATOM 398 N N   . ALA B 1 23 ? -8.271  -9.100  -8.695  1.00 53.36 ? 23 ALA a N   1 
ATOM 399 C CA  . ALA B 1 23 ? -9.290  -8.807  -9.699  1.00 53.36 ? 23 ALA a CA  1 
ATOM 400 C C   . ALA B 1 23 ? -9.403  -9.931  -10.719 1.00 53.36 ? 23 ALA a C   1 
ATOM 401 O O   . ALA B 1 23 ? -10.513 -10.334 -11.085 1.00 53.36 ? 23 ALA a O   1 
ATOM 402 C CB  . ALA B 1 23 ? -8.975  -7.485  -10.397 1.00 53.36 ? 23 ALA a CB  1 
ATOM 403 N N   . GLU B 1 24 ? -8.266  -10.444 -11.194 1.00 55.83 ? 24 GLU a N   1 
ATOM 404 C CA  . GLU B 1 24 ? -8.300  -11.550 -12.146 1.00 55.83 ? 24 GLU a CA  1 
ATOM 405 C C   . GLU B 1 24 ? -8.894  -12.804 -11.515 1.00 55.83 ? 24 GLU a C   1 
ATOM 406 O O   . GLU B 1 24 ? -9.671  -13.521 -12.157 1.00 55.83 ? 24 GLU a O   1 
ATOM 407 C CB  . GLU B 1 24 ? -6.894  -11.828 -12.680 1.00 55.83 ? 24 GLU a CB  1 
ATOM 408 C CG  . GLU B 1 24 ? -6.343  -10.726 -13.569 1.00 55.83 ? 24 GLU a CG  1 
ATOM 409 C CD  . GLU B 1 24 ? -4.837  -10.794 -13.713 1.00 55.83 ? 24 GLU a CD  1 
ATOM 410 O OE1 . GLU B 1 24 ? -4.210  -11.634 -13.035 1.00 55.83 ? 24 GLU a OE1 1 
ATOM 411 O OE2 . GLU B 1 24 ? -4.278  -10.006 -14.506 1.00 55.83 ? 24 GLU a OE2 1 
ATOM 412 N N   . ILE B 1 25 ? -8.544  -13.081 -10.257 1.00 58.80 ? 25 ILE a N   1 
ATOM 413 C CA  . ILE B 1 25 ? -9.099  -14.242 -9.567  1.00 58.80 ? 25 ILE a CA  1 
ATOM 414 C C   . ILE B 1 25 ? -10.612 -14.112 -9.448  1.00 58.80 ? 25 ILE a C   1 
ATOM 415 O O   . ILE B 1 25 ? -11.357 -15.074 -9.672  1.00 58.80 ? 25 ILE a O   1 
ATOM 416 C CB  . ILE B 1 25 ? -8.436  -14.419 -8.190  1.00 58.80 ? 25 ILE a CB  1 
ATOM 417 C CG1 . ILE B 1 25 ? -6.982  -14.869 -8.352  1.00 58.80 ? 25 ILE a CG1 1 
ATOM 418 C CG2 . ILE B 1 25 ? -9.210  -15.415 -7.341  1.00 58.80 ? 25 ILE a CG2 1 
ATOM 419 C CD1 . ILE B 1 25 ? -6.121  -14.599 -7.139  1.00 58.80 ? 25 ILE a CD1 1 
ATOM 420 N N   . LEU B 1 26 ? -11.090 -12.916 -9.094  1.00 61.49 ? 26 LEU a N   1 
ATOM 421 C CA  . LEU B 1 26 ? -12.529 -12.698 -8.985  1.00 61.49 ? 26 LEU a CA  1 
ATOM 422 C C   . LEU B 1 26 ? -13.214 -12.826 -10.340 1.00 61.49 ? 26 LEU a C   1 
ATOM 423 O O   . LEU B 1 26 ? -14.320 -13.371 -10.437 1.00 61.49 ? 26 LEU a O   1 
ATOM 424 C CB  . LEU B 1 26 ? -12.802 -11.326 -8.369  1.00 61.49 ? 26 LEU a CB  1 
ATOM 425 C CG  . LEU B 1 26 ? -14.231 -11.079 -7.888  1.00 61.49 ? 26 LEU a CG  1 
ATOM 426 C CD1 . LEU B 1 26 ? -14.653 -12.152 -6.896  1.00 61.49 ? 26 LEU a CD1 1 
ATOM 427 C CD2 . LEU B 1 26 ? -14.354 -9.696  -7.269  1.00 61.49 ? 26 LEU a CD2 1 
ATOM 428 N N   . ARG B 1 27 ? -12.574 -12.326 -11.401 1.00 65.16 ? 27 ARG a N   1 
ATOM 429 C CA  . ARG B 1 27 ? -13.163 -12.412 -12.732 1.00 65.16 ? 27 ARG a CA  1 
ATOM 430 C C   . ARG B 1 27 ? -13.104 -13.828 -13.289 1.00 65.16 ? 27 ARG a C   1 
ATOM 431 O O   . ARG B 1 27 ? -13.789 -14.133 -14.271 1.00 65.16 ? 27 ARG a O   1 
ATOM 432 C CB  . ARG B 1 27 ? -12.461 -11.443 -13.683 1.00 65.16 ? 27 ARG a CB  1 
ATOM 433 C CG  . ARG B 1 27 ? -12.864 -9.992  -13.495 1.00 65.16 ? 27 ARG a CG  1 
ATOM 434 C CD  . ARG B 1 27 ? -11.975 -9.052  -14.295 1.00 65.16 ? 27 ARG a CD  1 
ATOM 435 N NE  . ARG B 1 27 ? -11.874 -9.450  -15.694 1.00 65.16 ? 27 ARG a NE  1 
ATOM 436 C CZ  . ARG B 1 27 ? -11.232 -8.756  -16.623 1.00 65.16 ? 27 ARG a CZ  1 
ATOM 437 N NH1 . ARG B 1 27 ? -10.626 -7.615  -16.339 1.00 65.16 ? 27 ARG a NH1 1 
ATOM 438 N NH2 . ARG B 1 27 ? -11.198 -9.218  -17.870 1.00 65.16 ? 27 ARG a NH2 1 
ATOM 439 N N   . ALA B 1 28 ? -12.288 -14.699 -12.688 1.00 67.56 ? 28 ALA a N   1 
ATOM 440 C CA  . ALA B 1 28 ? -12.217 -16.082 -13.149 1.00 67.56 ? 28 ALA a CA  1 
ATOM 441 C C   . ALA B 1 28 ? -13.566 -16.777 -13.009 1.00 67.56 ? 28 ALA a C   1 
ATOM 442 O O   . ALA B 1 28 ? -13.996 -17.510 -13.908 1.00 67.56 ? 28 ALA a O   1 
ATOM 443 C CB  . ALA B 1 28 ? -11.136 -16.838 -12.376 1.00 67.56 ? 28 ALA a CB  1 
ATOM 444 N N   . GLU B 1 29 ? -14.249 -16.559 -11.891 1.00 70.17 ? 29 GLU a N   1 
ATOM 445 C CA  . GLU B 1 29 ? -15.580 -17.121 -11.692 1.00 70.17 ? 29 GLU a CA  1 
ATOM 446 C C   . GLU B 1 29 ? -16.647 -16.185 -12.249 1.00 70.17 ? 29 GLU a C   1 
ATOM 447 O O   . GLU B 1 29 ? -16.397 -14.998 -12.454 1.00 70.17 ? 29 GLU a O   1 
ATOM 448 C CB  . GLU B 1 29 ? -15.844 -17.395 -10.208 1.00 70.17 ? 29 GLU a CB  1 
ATOM 449 C CG  . GLU B 1 29 ? -15.016 -18.527 -9.624  1.00 70.17 ? 29 GLU a CG  1 
ATOM 450 C CD  . GLU B 1 29 ? -13.672 -18.058 -9.106  1.00 70.17 ? 29 GLU a CD  1 
ATOM 451 O OE1 . GLU B 1 29 ? -13.426 -16.835 -9.117  1.00 70.17 ? 29 GLU a OE1 1 
ATOM 452 O OE2 . GLU B 1 29 ? -12.862 -18.912 -8.689  1.00 70.17 ? 29 GLU a OE2 1 
# 
